data_133D
# 
_entry.id   133D 
# 
_audit_conform.dict_name       mmcif_pdbx.dic 
_audit_conform.dict_version    5.385 
_audit_conform.dict_location   http://mmcif.pdb.org/dictionaries/ascii/mmcif_pdbx.dic 
# 
loop_
_database_2.database_id 
_database_2.database_code 
_database_2.pdbx_database_accession 
_database_2.pdbx_DOI 
PDB   133D         pdb_0000133d 10.2210/pdb133d/pdb 
RCSB  ZDFB36       ?            ?                   
WWPDB D_1000170079 ?            ?                   
# 
loop_
_pdbx_audit_revision_history.ordinal 
_pdbx_audit_revision_history.data_content_type 
_pdbx_audit_revision_history.major_revision 
_pdbx_audit_revision_history.minor_revision 
_pdbx_audit_revision_history.revision_date 
1 'Structure model' 1 0 1994-01-15 
2 'Structure model' 1 1 2008-05-22 
3 'Structure model' 1 2 2011-07-13 
4 'Structure model' 1 3 2024-02-07 
# 
_pdbx_audit_revision_details.ordinal             1 
_pdbx_audit_revision_details.revision_ordinal    1 
_pdbx_audit_revision_details.data_content_type   'Structure model' 
_pdbx_audit_revision_details.provider            repository 
_pdbx_audit_revision_details.type                'Initial release' 
_pdbx_audit_revision_details.description         ? 
_pdbx_audit_revision_details.details             ? 
# 
loop_
_pdbx_audit_revision_group.ordinal 
_pdbx_audit_revision_group.revision_ordinal 
_pdbx_audit_revision_group.data_content_type 
_pdbx_audit_revision_group.group 
1 2 'Structure model' 'Version format compliance' 
2 3 'Structure model' 'Version format compliance' 
3 4 'Structure model' 'Data collection'           
4 4 'Structure model' 'Database references'       
5 4 'Structure model' 'Derived calculations'      
# 
loop_
_pdbx_audit_revision_category.ordinal 
_pdbx_audit_revision_category.revision_ordinal 
_pdbx_audit_revision_category.data_content_type 
_pdbx_audit_revision_category.category 
1 4 'Structure model' chem_comp_atom 
2 4 'Structure model' chem_comp_bond 
3 4 'Structure model' database_2     
4 4 'Structure model' struct_conn    
# 
loop_
_pdbx_audit_revision_item.ordinal 
_pdbx_audit_revision_item.revision_ordinal 
_pdbx_audit_revision_item.data_content_type 
_pdbx_audit_revision_item.item 
1 4 'Structure model' '_database_2.pdbx_DOI'                
2 4 'Structure model' '_database_2.pdbx_database_accession' 
3 4 'Structure model' '_struct_conn.pdbx_leaving_atom_flag' 
# 
_pdbx_database_status.status_code                     REL 
_pdbx_database_status.entry_id                        133D 
_pdbx_database_status.recvd_initial_deposition_date   1993-07-29 
_pdbx_database_status.deposit_site                    BNL 
_pdbx_database_status.process_site                    NDB 
_pdbx_database_status.status_code_sf                  REL 
_pdbx_database_status.status_code_mr                  ? 
_pdbx_database_status.SG_entry                        ? 
_pdbx_database_status.pdb_format_compatible           Y 
_pdbx_database_status.status_code_cs                  ? 
_pdbx_database_status.status_code_nmr_data            ? 
_pdbx_database_status.methods_development_category    ? 
# 
loop_
_audit_author.name 
_audit_author.pdbx_ordinal 
'Cervi, A.R.'   1 
'Guy, A.'       2 
'Leonard, G.A.' 3 
'Teoule, R.'    4 
'Hunter, W.N.'  5 
# 
_citation.id                        primary 
_citation.title                     
'The crystal structure of N4-methylcytosine.guanosine base-pairs in the synthetic hexanucleotide d(CGCGm4CG).' 
_citation.journal_abbrev            'Nucleic Acids Res.' 
_citation.journal_volume            21 
_citation.page_first                5623 
_citation.page_last                 5629 
_citation.year                      1993 
_citation.journal_id_ASTM           NARHAD 
_citation.country                   UK 
_citation.journal_id_ISSN           0305-1048 
_citation.journal_id_CSD            0389 
_citation.book_publisher            ? 
_citation.pdbx_database_id_PubMed   8284207 
_citation.pdbx_database_id_DOI      10.1093/nar/21.24.5623 
# 
loop_
_citation_author.citation_id 
_citation_author.name 
_citation_author.ordinal 
_citation_author.identifier_ORCID 
primary 'Cervi, A.R.'   1 ? 
primary 'Guy, A.'       2 ? 
primary 'Leonard, G.A.' 3 ? 
primary 'Teoule, R.'    4 ? 
primary 'Hunter, W.N.'  5 ? 
# 
loop_
_entity.id 
_entity.type 
_entity.src_method 
_entity.pdbx_description 
_entity.formula_weight 
_entity.pdbx_number_of_molecules 
_entity.pdbx_ec 
_entity.pdbx_mutation 
_entity.pdbx_fragment 
_entity.details 
1 polymer syn 
;DNA (5'-D(*CP*GP*CP*GP*(C34)P*G)-3')
;
1824.232 2  ? ? ? ? 
2 water   nat water                                  18.015   49 ? ? ? ? 
# 
_entity_poly.entity_id                      1 
_entity_poly.type                           polydeoxyribonucleotide 
_entity_poly.nstd_linkage                   no 
_entity_poly.nstd_monomer                   yes 
_entity_poly.pdbx_seq_one_letter_code       '(DC)(DG)(DC)(DG)(C34)(DG)' 
_entity_poly.pdbx_seq_one_letter_code_can   CGCGCG 
_entity_poly.pdbx_strand_id                 A,B 
_entity_poly.pdbx_target_identifier         ? 
# 
_pdbx_entity_nonpoly.entity_id   2 
_pdbx_entity_nonpoly.name        water 
_pdbx_entity_nonpoly.comp_id     HOH 
# 
loop_
_entity_poly_seq.entity_id 
_entity_poly_seq.num 
_entity_poly_seq.mon_id 
_entity_poly_seq.hetero 
1 1 DC  n 
1 2 DG  n 
1 3 DC  n 
1 4 DG  n 
1 5 C34 n 
1 6 DG  n 
# 
loop_
_chem_comp.id 
_chem_comp.type 
_chem_comp.mon_nstd_flag 
_chem_comp.name 
_chem_comp.pdbx_synonyms 
_chem_comp.formula 
_chem_comp.formula_weight 
C34 'DNA linking' n "N4-METHYL-2'-DEOXY-CYTIDINE-5'-MONOPHOSPHATE" ? 'C10 H16 N3 O7 P' 321.224 
DC  'DNA linking' y "2'-DEOXYCYTIDINE-5'-MONOPHOSPHATE"            ? 'C9 H14 N3 O7 P'  307.197 
DG  'DNA linking' y "2'-DEOXYGUANOSINE-5'-MONOPHOSPHATE"           ? 'C10 H14 N5 O7 P' 347.221 
HOH non-polymer   . WATER                                          ? 'H2 O'            18.015  
# 
loop_
_pdbx_poly_seq_scheme.asym_id 
_pdbx_poly_seq_scheme.entity_id 
_pdbx_poly_seq_scheme.seq_id 
_pdbx_poly_seq_scheme.mon_id 
_pdbx_poly_seq_scheme.ndb_seq_num 
_pdbx_poly_seq_scheme.pdb_seq_num 
_pdbx_poly_seq_scheme.auth_seq_num 
_pdbx_poly_seq_scheme.pdb_mon_id 
_pdbx_poly_seq_scheme.auth_mon_id 
_pdbx_poly_seq_scheme.pdb_strand_id 
_pdbx_poly_seq_scheme.pdb_ins_code 
_pdbx_poly_seq_scheme.hetero 
A 1 1 DC  1 1  1  DC  C  A . n 
A 1 2 DG  2 2  2  DG  G  A . n 
A 1 3 DC  3 3  3  DC  C  A . n 
A 1 4 DG  4 4  4  DG  G  A . n 
A 1 5 C34 5 5  5  C34 +C A . n 
A 1 6 DG  6 6  6  DG  G  A . n 
B 1 1 DC  1 7  7  DC  C  B . n 
B 1 2 DG  2 8  8  DG  G  B . n 
B 1 3 DC  3 9  9  DC  C  B . n 
B 1 4 DG  4 10 10 DG  G  B . n 
B 1 5 C34 5 11 11 C34 +C B . n 
B 1 6 DG  6 12 12 DG  G  B . n 
# 
loop_
_pdbx_nonpoly_scheme.asym_id 
_pdbx_nonpoly_scheme.entity_id 
_pdbx_nonpoly_scheme.mon_id 
_pdbx_nonpoly_scheme.ndb_seq_num 
_pdbx_nonpoly_scheme.pdb_seq_num 
_pdbx_nonpoly_scheme.auth_seq_num 
_pdbx_nonpoly_scheme.pdb_mon_id 
_pdbx_nonpoly_scheme.auth_mon_id 
_pdbx_nonpoly_scheme.pdb_strand_id 
_pdbx_nonpoly_scheme.pdb_ins_code 
C 2 HOH 1  14 14 HOH HOH A . 
C 2 HOH 2  15 15 HOH HOH A . 
C 2 HOH 3  16 16 HOH HOH A . 
C 2 HOH 4  19 19 HOH HOH A . 
C 2 HOH 5  20 20 HOH HOH A . 
C 2 HOH 6  24 24 HOH HOH A . 
C 2 HOH 7  26 26 HOH HOH A . 
C 2 HOH 8  27 27 HOH HOH A . 
C 2 HOH 9  28 28 HOH HOH A . 
C 2 HOH 10 29 29 HOH HOH A . 
C 2 HOH 11 33 33 HOH HOH A . 
C 2 HOH 12 34 34 HOH HOH A . 
C 2 HOH 13 35 35 HOH HOH A . 
C 2 HOH 14 38 38 HOH HOH A . 
C 2 HOH 15 41 41 HOH HOH A . 
C 2 HOH 16 42 42 HOH HOH A . 
C 2 HOH 17 43 43 HOH HOH A . 
C 2 HOH 18 44 44 HOH HOH A . 
C 2 HOH 19 49 49 HOH HOH A . 
C 2 HOH 20 50 50 HOH HOH A . 
C 2 HOH 21 52 52 HOH HOH A . 
C 2 HOH 22 53 53 HOH HOH A . 
C 2 HOH 23 56 56 HOH HOH A . 
C 2 HOH 24 57 57 HOH HOH A . 
C 2 HOH 25 58 58 HOH HOH A . 
C 2 HOH 26 59 59 HOH HOH A . 
C 2 HOH 27 61 61 HOH HOH A . 
D 2 HOH 1  13 13 HOH HOH B . 
D 2 HOH 2  17 17 HOH HOH B . 
D 2 HOH 3  18 18 HOH HOH B . 
D 2 HOH 4  21 21 HOH HOH B . 
D 2 HOH 5  22 22 HOH HOH B . 
D 2 HOH 6  23 23 HOH HOH B . 
D 2 HOH 7  25 25 HOH HOH B . 
D 2 HOH 8  30 30 HOH HOH B . 
D 2 HOH 9  31 31 HOH HOH B . 
D 2 HOH 10 32 32 HOH HOH B . 
D 2 HOH 11 36 36 HOH HOH B . 
D 2 HOH 12 37 37 HOH HOH B . 
D 2 HOH 13 39 39 HOH HOH B . 
D 2 HOH 14 40 40 HOH HOH B . 
D 2 HOH 15 45 45 HOH HOH B . 
D 2 HOH 16 46 46 HOH HOH B . 
D 2 HOH 17 47 47 HOH HOH B . 
D 2 HOH 18 48 48 HOH HOH B . 
D 2 HOH 19 51 51 HOH HOH B . 
D 2 HOH 20 54 54 HOH HOH B . 
D 2 HOH 21 55 55 HOH HOH B . 
D 2 HOH 22 60 60 HOH HOH B . 
# 
loop_
_software.name 
_software.classification 
_software.version 
_software.citation_id 
_software.pdbx_ordinal 
NUCLSQ refinement . ? 1 
X-PLOR refinement . ? 2 
# 
_cell.entry_id           133D 
_cell.length_a           17.980 
_cell.length_b           30.770 
_cell.length_c           44.760 
_cell.angle_alpha        90.00 
_cell.angle_beta         90.00 
_cell.angle_gamma        90.00 
_cell.Z_PDB              8 
_cell.pdbx_unique_axis   ? 
# 
_symmetry.entry_id                         133D 
_symmetry.space_group_name_H-M             'P 21 21 21' 
_symmetry.pdbx_full_space_group_name_H-M   ? 
_symmetry.cell_setting                     ? 
_symmetry.Int_Tables_number                19 
# 
_exptl.entry_id          133D 
_exptl.method            'X-RAY DIFFRACTION' 
_exptl.crystals_number   ? 
# 
_exptl_crystal.id                    1 
_exptl_crystal.density_meas          ? 
_exptl_crystal.density_Matthews      1.70 
_exptl_crystal.density_percent_sol   27.51 
_exptl_crystal.description           ? 
# 
_exptl_crystal_grow.crystal_id      1 
_exptl_crystal_grow.method          'VAPOR DIFFUSION' 
_exptl_crystal_grow.temp            277.00 
_exptl_crystal_grow.temp_details    ? 
_exptl_crystal_grow.pH              6.50 
_exptl_crystal_grow.pdbx_details    'pH 6.50, VAPOR DIFFUSION, temperature 277.00K' 
_exptl_crystal_grow.pdbx_pH_range   ? 
# 
loop_
_exptl_crystal_grow_comp.crystal_id 
_exptl_crystal_grow_comp.id 
_exptl_crystal_grow_comp.sol_id 
_exptl_crystal_grow_comp.name 
_exptl_crystal_grow_comp.volume 
_exptl_crystal_grow_comp.conc 
_exptl_crystal_grow_comp.details 
1 1 1 WATER           ? ? ? 
1 2 1 MPD             ? ? ? 
1 3 1 'NA CACODYLATE' ? ? ? 
1 4 1 MGCL2           ? ? ? 
1 5 1 SPERMINE_HCL    ? ? ? 
1 6 2 WATER           ? ? ? 
1 7 2 MPD             ? ? ? 
# 
_diffrn.id                     1 
_diffrn.ambient_temp           295.00 
_diffrn.ambient_temp_details   ? 
_diffrn.crystal_id             1 
# 
_diffrn_detector.diffrn_id              1 
_diffrn_detector.detector               DIFFRACTOMETER 
_diffrn_detector.type                   'RIGAKU AFC-5' 
_diffrn_detector.pdbx_collection_date   ? 
_diffrn_detector.details                ? 
# 
_diffrn_radiation.diffrn_id                        1 
_diffrn_radiation.wavelength_id                    1 
_diffrn_radiation.pdbx_monochromatic_or_laue_m_l   ? 
_diffrn_radiation.monochromator                    ? 
_diffrn_radiation.pdbx_diffrn_protocol             ? 
_diffrn_radiation.pdbx_scattering_type             x-ray 
# 
_diffrn_radiation_wavelength.id           1 
_diffrn_radiation_wavelength.wavelength   . 
_diffrn_radiation_wavelength.wt           1.0 
# 
_diffrn_source.diffrn_id                   1 
_diffrn_source.source                      'ROTATING ANODE' 
_diffrn_source.type                        'RIGAKU RU200' 
_diffrn_source.pdbx_synchrotron_site       ? 
_diffrn_source.pdbx_synchrotron_beamline   ? 
_diffrn_source.pdbx_wavelength             ? 
_diffrn_source.pdbx_wavelength_list        ? 
# 
_reflns.entry_id                     133D 
_reflns.observed_criterion_sigma_I   ? 
_reflns.observed_criterion_sigma_F   ? 
_reflns.d_resolution_low             ? 
_reflns.d_resolution_high            1.500 
_reflns.number_obs                   2994 
_reflns.number_all                   ? 
_reflns.percent_possible_obs         ? 
_reflns.pdbx_Rmerge_I_obs            ? 
_reflns.pdbx_Rsym_value              ? 
_reflns.pdbx_netI_over_sigmaI        ? 
_reflns.B_iso_Wilson_estimate        ? 
_reflns.pdbx_redundancy              ? 
_reflns.pdbx_diffrn_id               1 
_reflns.pdbx_ordinal                 1 
# 
_refine.entry_id                                 133D 
_refine.ls_number_reflns_obs                     1495 
_refine.ls_number_reflns_all                     ? 
_refine.pdbx_ls_sigma_I                          ? 
_refine.pdbx_ls_sigma_F                          1.000 
_refine.pdbx_data_cutoff_high_absF               ? 
_refine.pdbx_data_cutoff_low_absF                ? 
_refine.pdbx_data_cutoff_high_rms_absF           ? 
_refine.ls_d_res_low                             8.000 
_refine.ls_d_res_high                            1.800 
_refine.ls_percent_reflns_obs                    ? 
_refine.ls_R_factor_obs                          0.189 
_refine.ls_R_factor_all                          ? 
_refine.ls_R_factor_R_work                       ? 
_refine.ls_R_factor_R_free                       ? 
_refine.ls_R_factor_R_free_error                 ? 
_refine.ls_R_factor_R_free_error_details         ? 
_refine.ls_percent_reflns_R_free                 ? 
_refine.ls_number_reflns_R_free                  ? 
_refine.ls_number_parameters                     ? 
_refine.ls_number_restraints                     ? 
_refine.occupancy_min                            ? 
_refine.occupancy_max                            ? 
_refine.B_iso_mean                               ? 
_refine.aniso_B[1][1]                            ? 
_refine.aniso_B[2][2]                            ? 
_refine.aniso_B[3][3]                            ? 
_refine.aniso_B[1][2]                            ? 
_refine.aniso_B[1][3]                            ? 
_refine.aniso_B[2][3]                            ? 
_refine.solvent_model_details                    ? 
_refine.solvent_model_param_ksol                 ? 
_refine.solvent_model_param_bsol                 ? 
_refine.pdbx_ls_cross_valid_method               ? 
_refine.details                                  ? 
_refine.pdbx_starting_model                      ? 
_refine.pdbx_method_to_determine_struct          ? 
_refine.pdbx_isotropic_thermal_model             ? 
_refine.pdbx_stereochemistry_target_values       ? 
_refine.pdbx_stereochem_target_val_spec_case     ? 
_refine.pdbx_R_Free_selection_details            ? 
_refine.pdbx_overall_ESU_R                       ? 
_refine.pdbx_overall_ESU_R_Free                  ? 
_refine.overall_SU_ML                            ? 
_refine.overall_SU_B                             ? 
_refine.pdbx_refine_id                           'X-RAY DIFFRACTION' 
_refine.pdbx_diffrn_id                           1 
_refine.pdbx_TLS_residual_ADP_flag               ? 
_refine.correlation_coeff_Fo_to_Fc               ? 
_refine.correlation_coeff_Fo_to_Fc_free          ? 
_refine.pdbx_solvent_vdw_probe_radii             ? 
_refine.pdbx_solvent_ion_probe_radii             ? 
_refine.pdbx_solvent_shrinkage_radii             ? 
_refine.pdbx_overall_phase_error                 ? 
_refine.overall_SU_R_Cruickshank_DPI             ? 
_refine.pdbx_overall_SU_R_free_Cruickshank_DPI   ? 
_refine.pdbx_overall_SU_R_Blow_DPI               ? 
_refine.pdbx_overall_SU_R_free_Blow_DPI          ? 
# 
_refine_hist.pdbx_refine_id                   'X-RAY DIFFRACTION' 
_refine_hist.cycle_id                         LAST 
_refine_hist.pdbx_number_atoms_protein        0 
_refine_hist.pdbx_number_atoms_nucleic_acid   240 
_refine_hist.pdbx_number_atoms_ligand         2 
_refine_hist.number_atoms_solvent             49 
_refine_hist.number_atoms_total               291 
_refine_hist.d_res_high                       1.800 
_refine_hist.d_res_low                        8.000 
# 
loop_
_refine_ls_restr.type 
_refine_ls_restr.dev_ideal 
_refine_ls_restr.dev_ideal_target 
_refine_ls_restr.weight 
_refine_ls_restr.number 
_refine_ls_restr.pdbx_refine_id 
_refine_ls_restr.pdbx_restraint_function 
n_bond_d               ?     ? ? ? 'X-RAY DIFFRACTION' ? 
n_angle_d              ?     ? ? ? 'X-RAY DIFFRACTION' ? 
n_planar_d             ?     ? ? ? 'X-RAY DIFFRACTION' ? 
n_hb_or_metal_coord    ?     ? ? ? 'X-RAY DIFFRACTION' ? 
n_sugar_bond_it        ?     ? ? ? 'X-RAY DIFFRACTION' ? 
n_sugar_angle_it       ?     ? ? ? 'X-RAY DIFFRACTION' ? 
n_phos_bond_it         ?     ? ? ? 'X-RAY DIFFRACTION' ? 
n_phos_angle_it        ?     ? ? ? 'X-RAY DIFFRACTION' ? 
n_bond_angle_restr     ?     ? ? ? 'X-RAY DIFFRACTION' ? 
n_dihedral_angle_restr ?     ? ? ? 'X-RAY DIFFRACTION' ? 
n_impr_tor             ?     ? ? ? 'X-RAY DIFFRACTION' ? 
n_sugar_bond_d         0.019 ? ? ? 'X-RAY DIFFRACTION' ? 
n_sugar_bond_angle_d   0.025 ? ? ? 'X-RAY DIFFRACTION' ? 
n_phos_bond_d          0.028 ? ? ? 'X-RAY DIFFRACTION' ? 
n_phos_bond_angle_d    0.029 ? ? ? 'X-RAY DIFFRACTION' ? 
n_plane_restr          ?     ? ? ? 'X-RAY DIFFRACTION' ? 
n_chiral_restr         ?     ? ? ? 'X-RAY DIFFRACTION' ? 
n_singtor_nbd          ?     ? ? ? 'X-RAY DIFFRACTION' ? 
n_multtor_nbd          ?     ? ? ? 'X-RAY DIFFRACTION' ? 
n_xhyhbond_nbd         ?     ? ? ? 'X-RAY DIFFRACTION' ? 
# 
_struct.entry_id                  133D 
_struct.title                     
'THE CRYSTAL STRUCTURE OF N4-METHYLCYTOSINE.GUANOSIN BASE-PAIRS IN THE SYNTHETIC HEXANUCLEOTIDE D(CGCGM(4)CG)' 
_struct.pdbx_model_details        ? 
_struct.pdbx_CASP_flag            ? 
_struct.pdbx_model_type_details   ? 
# 
_struct_keywords.entry_id        133D 
_struct_keywords.pdbx_keywords   DNA 
_struct_keywords.text            'Z-DNA, DOUBLE HELIX, MODIFIED, DNA' 
# 
loop_
_struct_asym.id 
_struct_asym.pdbx_blank_PDB_chainid_flag 
_struct_asym.pdbx_modified 
_struct_asym.entity_id 
_struct_asym.details 
A N N 1 ? 
B N N 1 ? 
C N N 2 ? 
D N N 2 ? 
# 
_struct_ref.id                         1 
_struct_ref.entity_id                  1 
_struct_ref.db_name                    PDB 
_struct_ref.db_code                    133D 
_struct_ref.pdbx_db_accession          133D 
_struct_ref.pdbx_db_isoform            ? 
_struct_ref.pdbx_seq_one_letter_code   ? 
_struct_ref.pdbx_align_begin           ? 
# 
loop_
_struct_ref_seq.align_id 
_struct_ref_seq.ref_id 
_struct_ref_seq.pdbx_PDB_id_code 
_struct_ref_seq.pdbx_strand_id 
_struct_ref_seq.seq_align_beg 
_struct_ref_seq.pdbx_seq_align_beg_ins_code 
_struct_ref_seq.seq_align_end 
_struct_ref_seq.pdbx_seq_align_end_ins_code 
_struct_ref_seq.pdbx_db_accession 
_struct_ref_seq.db_align_beg 
_struct_ref_seq.pdbx_db_align_beg_ins_code 
_struct_ref_seq.db_align_end 
_struct_ref_seq.pdbx_db_align_end_ins_code 
_struct_ref_seq.pdbx_auth_seq_align_beg 
_struct_ref_seq.pdbx_auth_seq_align_end 
1 1 133D A 1 ? 6 ? 133D 1 ? 6  ? 1 6  
2 1 133D B 1 ? 6 ? 133D 7 ? 12 ? 7 12 
# 
_pdbx_struct_assembly.id                   1 
_pdbx_struct_assembly.details              author_defined_assembly 
_pdbx_struct_assembly.method_details       ? 
_pdbx_struct_assembly.oligomeric_details   dimeric 
_pdbx_struct_assembly.oligomeric_count     2 
# 
_pdbx_struct_assembly_gen.assembly_id       1 
_pdbx_struct_assembly_gen.oper_expression   1 
_pdbx_struct_assembly_gen.asym_id_list      A,B,C,D 
# 
_pdbx_struct_oper_list.id                   1 
_pdbx_struct_oper_list.type                 'identity operation' 
_pdbx_struct_oper_list.name                 1_555 
_pdbx_struct_oper_list.symmetry_operation   x,y,z 
_pdbx_struct_oper_list.matrix[1][1]         1.0000000000 
_pdbx_struct_oper_list.matrix[1][2]         0.0000000000 
_pdbx_struct_oper_list.matrix[1][3]         0.0000000000 
_pdbx_struct_oper_list.vector[1]            0.0000000000 
_pdbx_struct_oper_list.matrix[2][1]         0.0000000000 
_pdbx_struct_oper_list.matrix[2][2]         1.0000000000 
_pdbx_struct_oper_list.matrix[2][3]         0.0000000000 
_pdbx_struct_oper_list.vector[2]            0.0000000000 
_pdbx_struct_oper_list.matrix[3][1]         0.0000000000 
_pdbx_struct_oper_list.matrix[3][2]         0.0000000000 
_pdbx_struct_oper_list.matrix[3][3]         1.0000000000 
_pdbx_struct_oper_list.vector[3]            0.0000000000 
# 
_struct_biol.id   1 
# 
loop_
_struct_conn.id 
_struct_conn.conn_type_id 
_struct_conn.pdbx_leaving_atom_flag 
_struct_conn.pdbx_PDB_id 
_struct_conn.ptnr1_label_asym_id 
_struct_conn.ptnr1_label_comp_id 
_struct_conn.ptnr1_label_seq_id 
_struct_conn.ptnr1_label_atom_id 
_struct_conn.pdbx_ptnr1_label_alt_id 
_struct_conn.pdbx_ptnr1_PDB_ins_code 
_struct_conn.pdbx_ptnr1_standard_comp_id 
_struct_conn.ptnr1_symmetry 
_struct_conn.ptnr2_label_asym_id 
_struct_conn.ptnr2_label_comp_id 
_struct_conn.ptnr2_label_seq_id 
_struct_conn.ptnr2_label_atom_id 
_struct_conn.pdbx_ptnr2_label_alt_id 
_struct_conn.pdbx_ptnr2_PDB_ins_code 
_struct_conn.ptnr1_auth_asym_id 
_struct_conn.ptnr1_auth_comp_id 
_struct_conn.ptnr1_auth_seq_id 
_struct_conn.ptnr2_auth_asym_id 
_struct_conn.ptnr2_auth_comp_id 
_struct_conn.ptnr2_auth_seq_id 
_struct_conn.ptnr2_symmetry 
_struct_conn.pdbx_ptnr3_label_atom_id 
_struct_conn.pdbx_ptnr3_label_seq_id 
_struct_conn.pdbx_ptnr3_label_comp_id 
_struct_conn.pdbx_ptnr3_label_asym_id 
_struct_conn.pdbx_ptnr3_label_alt_id 
_struct_conn.pdbx_ptnr3_PDB_ins_code 
_struct_conn.details 
_struct_conn.pdbx_dist_value 
_struct_conn.pdbx_value_order 
_struct_conn.pdbx_role 
covale1  covale both ? A DG  4 "O3'" ? ? ? 1_555 A C34 5 P  ? ? A DG  4  A C34 5  1_555 ? ? ? ? ? ? ?            1.578 ? ? 
covale2  covale both ? A C34 5 "O3'" ? ? ? 1_555 A DG  6 P  ? ? A C34 5  A DG  6  1_555 ? ? ? ? ? ? ?            1.609 ? ? 
covale3  covale both ? B DG  4 "O3'" ? ? ? 1_555 B C34 5 P  ? ? B DG  10 B C34 11 1_555 ? ? ? ? ? ? ?            1.629 ? ? 
covale4  covale both ? B C34 5 "O3'" ? ? ? 1_555 B DG  6 P  ? ? B C34 11 B DG  12 1_555 ? ? ? ? ? ? ?            1.642 ? ? 
hydrog1  hydrog ?    ? A DC  1 N3    ? ? ? 1_555 B DG  6 N1 ? ? A DC  1  B DG  12 1_555 ? ? ? ? ? ? WATSON-CRICK ?     ? ? 
hydrog2  hydrog ?    ? A DC  1 N4    ? ? ? 1_555 B DG  6 O6 ? ? A DC  1  B DG  12 1_555 ? ? ? ? ? ? WATSON-CRICK ?     ? ? 
hydrog3  hydrog ?    ? A DC  1 O2    ? ? ? 1_555 B DG  6 N2 ? ? A DC  1  B DG  12 1_555 ? ? ? ? ? ? WATSON-CRICK ?     ? ? 
hydrog4  hydrog ?    ? A DG  2 N1    ? ? ? 1_555 B C34 5 N3 ? ? A DG  2  B C34 11 1_555 ? ? ? ? ? ? WATSON-CRICK ?     ? ? 
hydrog5  hydrog ?    ? A DG  2 N2    ? ? ? 1_555 B C34 5 O2 ? ? A DG  2  B C34 11 1_555 ? ? ? ? ? ? WATSON-CRICK ?     ? ? 
hydrog6  hydrog ?    ? A DG  2 O6    ? ? ? 1_555 B C34 5 N4 ? ? A DG  2  B C34 11 1_555 ? ? ? ? ? ? WATSON-CRICK ?     ? ? 
hydrog7  hydrog ?    ? A DC  3 N3    ? ? ? 1_555 B DG  4 N1 ? ? A DC  3  B DG  10 1_555 ? ? ? ? ? ? WATSON-CRICK ?     ? ? 
hydrog8  hydrog ?    ? A DC  3 N4    ? ? ? 1_555 B DG  4 O6 ? ? A DC  3  B DG  10 1_555 ? ? ? ? ? ? WATSON-CRICK ?     ? ? 
hydrog9  hydrog ?    ? A DC  3 O2    ? ? ? 1_555 B DG  4 N2 ? ? A DC  3  B DG  10 1_555 ? ? ? ? ? ? WATSON-CRICK ?     ? ? 
hydrog10 hydrog ?    ? A DG  4 N1    ? ? ? 1_555 B DC  3 N3 ? ? A DG  4  B DC  9  1_555 ? ? ? ? ? ? WATSON-CRICK ?     ? ? 
hydrog11 hydrog ?    ? A DG  4 N2    ? ? ? 1_555 B DC  3 O2 ? ? A DG  4  B DC  9  1_555 ? ? ? ? ? ? WATSON-CRICK ?     ? ? 
hydrog12 hydrog ?    ? A DG  4 O6    ? ? ? 1_555 B DC  3 N4 ? ? A DG  4  B DC  9  1_555 ? ? ? ? ? ? WATSON-CRICK ?     ? ? 
hydrog13 hydrog ?    ? A C34 5 N3    ? ? ? 1_555 B DG  2 N1 ? ? A C34 5  B DG  8  1_555 ? ? ? ? ? ? WATSON-CRICK ?     ? ? 
hydrog14 hydrog ?    ? A C34 5 N4    ? ? ? 1_555 B DG  2 O6 ? ? A C34 5  B DG  8  1_555 ? ? ? ? ? ? WATSON-CRICK ?     ? ? 
hydrog15 hydrog ?    ? A C34 5 O2    ? ? ? 1_555 B DG  2 N2 ? ? A C34 5  B DG  8  1_555 ? ? ? ? ? ? WATSON-CRICK ?     ? ? 
hydrog16 hydrog ?    ? A DG  6 N1    ? ? ? 1_555 B DC  1 N3 ? ? A DG  6  B DC  7  1_555 ? ? ? ? ? ? WATSON-CRICK ?     ? ? 
hydrog17 hydrog ?    ? A DG  6 N2    ? ? ? 1_555 B DC  1 O2 ? ? A DG  6  B DC  7  1_555 ? ? ? ? ? ? WATSON-CRICK ?     ? ? 
hydrog18 hydrog ?    ? A DG  6 O6    ? ? ? 1_555 B DC  1 N4 ? ? A DG  6  B DC  7  1_555 ? ? ? ? ? ? WATSON-CRICK ?     ? ? 
# 
loop_
_struct_conn_type.id 
_struct_conn_type.criteria 
_struct_conn_type.reference 
covale ? ? 
hydrog ? ? 
# 
_pdbx_validate_close_contact.id               1 
_pdbx_validate_close_contact.PDB_model_num    1 
_pdbx_validate_close_contact.auth_atom_id_1   O 
_pdbx_validate_close_contact.auth_asym_id_1   A 
_pdbx_validate_close_contact.auth_comp_id_1   HOH 
_pdbx_validate_close_contact.auth_seq_id_1    34 
_pdbx_validate_close_contact.PDB_ins_code_1   ? 
_pdbx_validate_close_contact.label_alt_id_1   ? 
_pdbx_validate_close_contact.auth_atom_id_2   O 
_pdbx_validate_close_contact.auth_asym_id_2   A 
_pdbx_validate_close_contact.auth_comp_id_2   HOH 
_pdbx_validate_close_contact.auth_seq_id_2    52 
_pdbx_validate_close_contact.PDB_ins_code_2   ? 
_pdbx_validate_close_contact.label_alt_id_2   ? 
_pdbx_validate_close_contact.dist             2.10 
# 
loop_
_pdbx_validate_symm_contact.id 
_pdbx_validate_symm_contact.PDB_model_num 
_pdbx_validate_symm_contact.auth_atom_id_1 
_pdbx_validate_symm_contact.auth_asym_id_1 
_pdbx_validate_symm_contact.auth_comp_id_1 
_pdbx_validate_symm_contact.auth_seq_id_1 
_pdbx_validate_symm_contact.PDB_ins_code_1 
_pdbx_validate_symm_contact.label_alt_id_1 
_pdbx_validate_symm_contact.site_symmetry_1 
_pdbx_validate_symm_contact.auth_atom_id_2 
_pdbx_validate_symm_contact.auth_asym_id_2 
_pdbx_validate_symm_contact.auth_comp_id_2 
_pdbx_validate_symm_contact.auth_seq_id_2 
_pdbx_validate_symm_contact.PDB_ins_code_2 
_pdbx_validate_symm_contact.label_alt_id_2 
_pdbx_validate_symm_contact.site_symmetry_2 
_pdbx_validate_symm_contact.dist 
1 1 O   A HOH 28 ? ? 1_555 O A HOH 61 ? ? 2_664 2.00 
2 1 OP1 B DG  8  ? ? 1_555 O A HOH 43 ? ? 3_756 2.19 
# 
loop_
_pdbx_validate_rmsd_bond.id 
_pdbx_validate_rmsd_bond.PDB_model_num 
_pdbx_validate_rmsd_bond.auth_atom_id_1 
_pdbx_validate_rmsd_bond.auth_asym_id_1 
_pdbx_validate_rmsd_bond.auth_comp_id_1 
_pdbx_validate_rmsd_bond.auth_seq_id_1 
_pdbx_validate_rmsd_bond.PDB_ins_code_1 
_pdbx_validate_rmsd_bond.label_alt_id_1 
_pdbx_validate_rmsd_bond.auth_atom_id_2 
_pdbx_validate_rmsd_bond.auth_asym_id_2 
_pdbx_validate_rmsd_bond.auth_comp_id_2 
_pdbx_validate_rmsd_bond.auth_seq_id_2 
_pdbx_validate_rmsd_bond.PDB_ins_code_2 
_pdbx_validate_rmsd_bond.label_alt_id_2 
_pdbx_validate_rmsd_bond.bond_value 
_pdbx_validate_rmsd_bond.bond_target_value 
_pdbx_validate_rmsd_bond.bond_deviation 
_pdbx_validate_rmsd_bond.bond_standard_deviation 
_pdbx_validate_rmsd_bond.linker_flag 
1 1 "O4'" A DG 2 ? ? "C1'" A DG 2 ? ? 1.505 1.420 0.085 0.011 N 
2 1 P     B DG 8 ? ? "O5'" B DG 8 ? ? 1.663 1.593 0.070 0.010 N 
# 
loop_
_pdbx_validate_rmsd_angle.id 
_pdbx_validate_rmsd_angle.PDB_model_num 
_pdbx_validate_rmsd_angle.auth_atom_id_1 
_pdbx_validate_rmsd_angle.auth_asym_id_1 
_pdbx_validate_rmsd_angle.auth_comp_id_1 
_pdbx_validate_rmsd_angle.auth_seq_id_1 
_pdbx_validate_rmsd_angle.PDB_ins_code_1 
_pdbx_validate_rmsd_angle.label_alt_id_1 
_pdbx_validate_rmsd_angle.auth_atom_id_2 
_pdbx_validate_rmsd_angle.auth_asym_id_2 
_pdbx_validate_rmsd_angle.auth_comp_id_2 
_pdbx_validate_rmsd_angle.auth_seq_id_2 
_pdbx_validate_rmsd_angle.PDB_ins_code_2 
_pdbx_validate_rmsd_angle.label_alt_id_2 
_pdbx_validate_rmsd_angle.auth_atom_id_3 
_pdbx_validate_rmsd_angle.auth_asym_id_3 
_pdbx_validate_rmsd_angle.auth_comp_id_3 
_pdbx_validate_rmsd_angle.auth_seq_id_3 
_pdbx_validate_rmsd_angle.PDB_ins_code_3 
_pdbx_validate_rmsd_angle.label_alt_id_3 
_pdbx_validate_rmsd_angle.angle_value 
_pdbx_validate_rmsd_angle.angle_target_value 
_pdbx_validate_rmsd_angle.angle_deviation 
_pdbx_validate_rmsd_angle.angle_standard_deviation 
_pdbx_validate_rmsd_angle.linker_flag 
1  1 "C5'" A DC 1  ? ? "C4'" A DC 1  ? ? "C3'" A DC  1  ? ? 123.24 115.70 7.54   1.20 N 
2  1 "O4'" A DC 1  ? ? "C1'" A DC 1  ? ? N1    A DC  1  ? ? 114.05 108.30 5.75   0.30 N 
3  1 N3    A DC 1  ? ? C4    A DC 1  ? ? C5    A DC  1  ? ? 119.25 121.90 -2.65  0.40 N 
4  1 "O5'" A DG 2  ? ? "C5'" A DG 2  ? ? "C4'" A DG  2  ? ? 98.87  109.40 -10.53 0.80 N 
5  1 "O4'" A DG 2  ? ? "C4'" A DG 2  ? ? "C3'" A DG  2  ? ? 110.93 106.00 4.93   0.60 N 
6  1 C6    A DG 2  ? ? N1    A DG 2  ? ? C2    A DG  2  ? ? 121.17 125.10 -3.93  0.60 N 
7  1 C5    A DG 2  ? ? C6    A DG 2  ? ? N1    A DG  2  ? ? 114.94 111.50 3.44   0.50 N 
8  1 "C3'" A DG 2  ? ? "O3'" A DG 2  ? ? P     A DC  3  ? ? 132.69 119.70 12.99  1.20 Y 
9  1 OP1   A DC 3  ? ? P     A DC 3  ? ? OP2   A DC  3  ? ? 109.85 119.60 -9.75  1.50 N 
10 1 "O4'" A DC 3  ? ? "C1'" A DC 3  ? ? N1    A DC  3  ? ? 112.73 108.30 4.43   0.30 N 
11 1 "O5'" A DG 4  ? ? "C5'" A DG 4  ? ? "C4'" A DG  4  ? ? 101.36 109.40 -8.04  0.80 N 
12 1 C5    A DG 4  ? ? C6    A DG 4  ? ? N1    A DG  4  ? ? 114.66 111.50 3.16   0.50 N 
13 1 "C3'" A DG 4  ? ? "O3'" A DG 4  ? ? P     A C34 5  ? ? 130.27 119.70 10.57  1.20 Y 
14 1 "O5'" A DG 6  ? ? "C5'" A DG 6  ? ? "C4'" A DG  6  ? ? 102.96 109.40 -6.44  0.80 N 
15 1 "O4'" A DG 6  ? ? "C1'" A DG 6  ? ? N9    A DG  6  ? ? 110.27 108.30 1.97   0.30 N 
16 1 N1    A DG 6  ? ? C2    A DG 6  ? ? N2    A DG  6  ? ? 110.59 116.20 -5.61  0.90 N 
17 1 N3    A DG 6  ? ? C2    A DG 6  ? ? N2    A DG  6  ? ? 124.62 119.90 4.72   0.70 N 
18 1 N1    A DG 6  ? ? C6    A DG 6  ? ? O6    A DG  6  ? ? 115.33 119.90 -4.57  0.60 N 
19 1 "O5'" B DG 8  ? ? "C5'" B DG 8  ? ? "C4'" B DG  8  ? ? 102.96 109.40 -6.44  0.80 N 
20 1 P     B DG 8  ? ? "O5'" B DG 8  ? ? "C5'" B DG  8  ? ? 109.60 120.90 -11.30 1.60 N 
21 1 "O4'" B DG 8  ? ? "C1'" B DG 8  ? ? N9    B DG  8  ? ? 110.25 108.30 1.95   0.30 N 
22 1 C6    B DG 8  ? ? N1    B DG 8  ? ? C2    B DG  8  ? ? 120.84 125.10 -4.26  0.60 N 
23 1 C5    B DG 8  ? ? C6    B DG 8  ? ? N1    B DG  8  ? ? 115.78 111.50 4.28   0.50 N 
24 1 "C3'" B DG 8  ? ? "O3'" B DG 8  ? ? P     B DC  9  ? ? 135.51 119.70 15.81  1.20 Y 
25 1 OP1   B DC 9  ? ? P     B DC 9  ? ? OP2   B DC  9  ? ? 109.12 119.60 -10.48 1.50 N 
26 1 "O5'" B DC 9  ? ? "C5'" B DC 9  ? ? "C4'" B DC  9  ? ? 99.77  109.40 -9.63  0.80 N 
27 1 "O4'" B DC 9  ? ? "C1'" B DC 9  ? ? "C2'" B DC  9  ? ? 96.42  105.90 -9.48  0.80 N 
28 1 "O4'" B DC 9  ? ? "C1'" B DC 9  ? ? N1    B DC  9  ? ? 111.75 108.30 3.45   0.30 N 
29 1 "C3'" B DC 9  ? ? "O3'" B DC 9  ? ? P     B DG  10 ? ? 109.59 119.70 -10.11 1.20 Y 
30 1 "O5'" B DG 10 ? ? P     B DG 10 ? ? OP2   B DG  10 ? ? 118.33 110.70 7.63   1.20 N 
31 1 "O4'" B DG 10 ? ? "C1'" B DG 10 ? ? N9    B DG  10 ? ? 112.05 108.30 3.75   0.30 N 
32 1 C5    B DG 10 ? ? C6    B DG 10 ? ? N1    B DG  10 ? ? 114.66 111.50 3.16   0.50 N 
33 1 N1    B DG 10 ? ? C6    B DG 10 ? ? O6    B DG  10 ? ? 115.92 119.90 -3.98  0.60 N 
34 1 "O5'" B DG 12 ? ? "C5'" B DG 12 ? ? "C4'" B DG  12 ? ? 97.15  109.40 -12.25 0.80 N 
35 1 "C4'" B DG 12 ? ? "C3'" B DG 12 ? ? "C2'" B DG  12 ? ? 96.78  102.20 -5.42  0.70 N 
36 1 "O4'" B DG 12 ? ? "C1'" B DG 12 ? ? N9    B DG  12 ? ? 116.71 108.30 8.41   0.30 N 
37 1 C6    B DG 12 ? ? N1    B DG 12 ? ? C2    B DG  12 ? ? 119.45 125.10 -5.65  0.60 N 
38 1 N1    B DG 12 ? ? C2    B DG 12 ? ? N3    B DG  12 ? ? 127.76 123.90 3.86   0.60 N 
39 1 C5    B DG 12 ? ? C6    B DG 12 ? ? N1    B DG  12 ? ? 116.15 111.50 4.65   0.50 N 
# 
loop_
_pdbx_struct_mod_residue.id 
_pdbx_struct_mod_residue.label_asym_id 
_pdbx_struct_mod_residue.label_comp_id 
_pdbx_struct_mod_residue.label_seq_id 
_pdbx_struct_mod_residue.auth_asym_id 
_pdbx_struct_mod_residue.auth_comp_id 
_pdbx_struct_mod_residue.auth_seq_id 
_pdbx_struct_mod_residue.PDB_ins_code 
_pdbx_struct_mod_residue.parent_comp_id 
_pdbx_struct_mod_residue.details 
1 A C34 5 A C34 5  ? DC ? 
2 B C34 5 B C34 11 ? DC ? 
# 
loop_
_refine_B_iso.class 
_refine_B_iso.details 
_refine_B_iso.treatment 
_refine_B_iso.pdbx_refine_id 
'ALL ATOMS'  TR isotropic 'X-RAY DIFFRACTION' 
'ALL WATERS' TR isotropic 'X-RAY DIFFRACTION' 
# 
loop_
_refine_occupancy.class 
_refine_occupancy.treatment 
_refine_occupancy.pdbx_refine_id 
'ALL ATOMS'  fix 'X-RAY DIFFRACTION' 
'ALL WATERS' fix 'X-RAY DIFFRACTION' 
# 
loop_
_chem_comp_atom.comp_id 
_chem_comp_atom.atom_id 
_chem_comp_atom.type_symbol 
_chem_comp_atom.pdbx_aromatic_flag 
_chem_comp_atom.pdbx_stereo_config 
_chem_comp_atom.pdbx_ordinal 
C34 P      P N N 1   
C34 OP1    O N N 2   
C34 OP2    O N N 3   
C34 OP3    O N N 4   
C34 "O5'"  O N N 5   
C34 "C5'"  C N N 6   
C34 "C4'"  C N R 7   
C34 "O4'"  O N N 8   
C34 "C1'"  C N R 9   
C34 N1     N N N 10  
C34 C6     C N N 11  
C34 C2     C N N 12  
C34 O2     O N N 13  
C34 N3     N N N 14  
C34 C4     C N N 15  
C34 N4     N N N 16  
C34 C7     C N N 17  
C34 C5     C N N 18  
C34 "C2'"  C N N 19  
C34 "C3'"  C N S 20  
C34 "O3'"  O N N 21  
C34 HOP2   H N N 22  
C34 HOP3   H N N 23  
C34 "H5'"  H N N 24  
C34 "H5''" H N N 25  
C34 "H4'"  H N N 26  
C34 "H1'"  H N N 27  
C34 H6     H N N 28  
C34 H4     H N N 29  
C34 H7C1   H N N 30  
C34 H7C2   H N N 31  
C34 H7C3   H N N 32  
C34 H5     H N N 33  
C34 "H2'"  H N N 34  
C34 "H2''" H N N 35  
C34 "H3'"  H N N 36  
C34 "HO3'" H N N 37  
DC  OP3    O N N 38  
DC  P      P N N 39  
DC  OP1    O N N 40  
DC  OP2    O N N 41  
DC  "O5'"  O N N 42  
DC  "C5'"  C N N 43  
DC  "C4'"  C N R 44  
DC  "O4'"  O N N 45  
DC  "C3'"  C N S 46  
DC  "O3'"  O N N 47  
DC  "C2'"  C N N 48  
DC  "C1'"  C N R 49  
DC  N1     N N N 50  
DC  C2     C N N 51  
DC  O2     O N N 52  
DC  N3     N N N 53  
DC  C4     C N N 54  
DC  N4     N N N 55  
DC  C5     C N N 56  
DC  C6     C N N 57  
DC  HOP3   H N N 58  
DC  HOP2   H N N 59  
DC  "H5'"  H N N 60  
DC  "H5''" H N N 61  
DC  "H4'"  H N N 62  
DC  "H3'"  H N N 63  
DC  "HO3'" H N N 64  
DC  "H2'"  H N N 65  
DC  "H2''" H N N 66  
DC  "H1'"  H N N 67  
DC  H41    H N N 68  
DC  H42    H N N 69  
DC  H5     H N N 70  
DC  H6     H N N 71  
DG  OP3    O N N 72  
DG  P      P N N 73  
DG  OP1    O N N 74  
DG  OP2    O N N 75  
DG  "O5'"  O N N 76  
DG  "C5'"  C N N 77  
DG  "C4'"  C N R 78  
DG  "O4'"  O N N 79  
DG  "C3'"  C N S 80  
DG  "O3'"  O N N 81  
DG  "C2'"  C N N 82  
DG  "C1'"  C N R 83  
DG  N9     N Y N 84  
DG  C8     C Y N 85  
DG  N7     N Y N 86  
DG  C5     C Y N 87  
DG  C6     C N N 88  
DG  O6     O N N 89  
DG  N1     N N N 90  
DG  C2     C N N 91  
DG  N2     N N N 92  
DG  N3     N N N 93  
DG  C4     C Y N 94  
DG  HOP3   H N N 95  
DG  HOP2   H N N 96  
DG  "H5'"  H N N 97  
DG  "H5''" H N N 98  
DG  "H4'"  H N N 99  
DG  "H3'"  H N N 100 
DG  "HO3'" H N N 101 
DG  "H2'"  H N N 102 
DG  "H2''" H N N 103 
DG  "H1'"  H N N 104 
DG  H8     H N N 105 
DG  H1     H N N 106 
DG  H21    H N N 107 
DG  H22    H N N 108 
HOH O      O N N 109 
HOH H1     H N N 110 
HOH H2     H N N 111 
# 
loop_
_chem_comp_bond.comp_id 
_chem_comp_bond.atom_id_1 
_chem_comp_bond.atom_id_2 
_chem_comp_bond.value_order 
_chem_comp_bond.pdbx_aromatic_flag 
_chem_comp_bond.pdbx_stereo_config 
_chem_comp_bond.pdbx_ordinal 
C34 P     OP1    doub N N 1   
C34 P     OP2    sing N N 2   
C34 P     OP3    sing N N 3   
C34 P     "O5'"  sing N N 4   
C34 OP2   HOP2   sing N N 5   
C34 OP3   HOP3   sing N N 6   
C34 "O5'" "C5'"  sing N N 7   
C34 "C5'" "C4'"  sing N N 8   
C34 "C5'" "H5'"  sing N N 9   
C34 "C5'" "H5''" sing N N 10  
C34 "C4'" "O4'"  sing N N 11  
C34 "C4'" "C3'"  sing N N 12  
C34 "C4'" "H4'"  sing N N 13  
C34 "O4'" "C1'"  sing N N 14  
C34 "C1'" N1     sing N N 15  
C34 "C1'" "C2'"  sing N N 16  
C34 "C1'" "H1'"  sing N N 17  
C34 N1    C6     sing N N 18  
C34 N1    C2     sing N N 19  
C34 C6    C5     doub N N 20  
C34 C6    H6     sing N N 21  
C34 C2    O2     doub N N 22  
C34 C2    N3     sing N N 23  
C34 N3    C4     doub N N 24  
C34 C4    N4     sing N N 25  
C34 C4    C5     sing N N 26  
C34 N4    C7     sing N N 27  
C34 N4    H4     sing N N 28  
C34 C7    H7C1   sing N N 29  
C34 C7    H7C2   sing N N 30  
C34 C7    H7C3   sing N N 31  
C34 C5    H5     sing N N 32  
C34 "C2'" "C3'"  sing N N 33  
C34 "C2'" "H2'"  sing N N 34  
C34 "C2'" "H2''" sing N N 35  
C34 "C3'" "O3'"  sing N N 36  
C34 "C3'" "H3'"  sing N N 37  
C34 "O3'" "HO3'" sing N N 38  
DC  OP3   P      sing N N 39  
DC  OP3   HOP3   sing N N 40  
DC  P     OP1    doub N N 41  
DC  P     OP2    sing N N 42  
DC  P     "O5'"  sing N N 43  
DC  OP2   HOP2   sing N N 44  
DC  "O5'" "C5'"  sing N N 45  
DC  "C5'" "C4'"  sing N N 46  
DC  "C5'" "H5'"  sing N N 47  
DC  "C5'" "H5''" sing N N 48  
DC  "C4'" "O4'"  sing N N 49  
DC  "C4'" "C3'"  sing N N 50  
DC  "C4'" "H4'"  sing N N 51  
DC  "O4'" "C1'"  sing N N 52  
DC  "C3'" "O3'"  sing N N 53  
DC  "C3'" "C2'"  sing N N 54  
DC  "C3'" "H3'"  sing N N 55  
DC  "O3'" "HO3'" sing N N 56  
DC  "C2'" "C1'"  sing N N 57  
DC  "C2'" "H2'"  sing N N 58  
DC  "C2'" "H2''" sing N N 59  
DC  "C1'" N1     sing N N 60  
DC  "C1'" "H1'"  sing N N 61  
DC  N1    C2     sing N N 62  
DC  N1    C6     sing N N 63  
DC  C2    O2     doub N N 64  
DC  C2    N3     sing N N 65  
DC  N3    C4     doub N N 66  
DC  C4    N4     sing N N 67  
DC  C4    C5     sing N N 68  
DC  N4    H41    sing N N 69  
DC  N4    H42    sing N N 70  
DC  C5    C6     doub N N 71  
DC  C5    H5     sing N N 72  
DC  C6    H6     sing N N 73  
DG  OP3   P      sing N N 74  
DG  OP3   HOP3   sing N N 75  
DG  P     OP1    doub N N 76  
DG  P     OP2    sing N N 77  
DG  P     "O5'"  sing N N 78  
DG  OP2   HOP2   sing N N 79  
DG  "O5'" "C5'"  sing N N 80  
DG  "C5'" "C4'"  sing N N 81  
DG  "C5'" "H5'"  sing N N 82  
DG  "C5'" "H5''" sing N N 83  
DG  "C4'" "O4'"  sing N N 84  
DG  "C4'" "C3'"  sing N N 85  
DG  "C4'" "H4'"  sing N N 86  
DG  "O4'" "C1'"  sing N N 87  
DG  "C3'" "O3'"  sing N N 88  
DG  "C3'" "C2'"  sing N N 89  
DG  "C3'" "H3'"  sing N N 90  
DG  "O3'" "HO3'" sing N N 91  
DG  "C2'" "C1'"  sing N N 92  
DG  "C2'" "H2'"  sing N N 93  
DG  "C2'" "H2''" sing N N 94  
DG  "C1'" N9     sing N N 95  
DG  "C1'" "H1'"  sing N N 96  
DG  N9    C8     sing Y N 97  
DG  N9    C4     sing Y N 98  
DG  C8    N7     doub Y N 99  
DG  C8    H8     sing N N 100 
DG  N7    C5     sing Y N 101 
DG  C5    C6     sing N N 102 
DG  C5    C4     doub Y N 103 
DG  C6    O6     doub N N 104 
DG  C6    N1     sing N N 105 
DG  N1    C2     sing N N 106 
DG  N1    H1     sing N N 107 
DG  C2    N2     sing N N 108 
DG  C2    N3     doub N N 109 
DG  N2    H21    sing N N 110 
DG  N2    H22    sing N N 111 
DG  N3    C4     sing N N 112 
HOH O     H1     sing N N 113 
HOH O     H2     sing N N 114 
# 
_ndb_struct_conf_na.entry_id   133D 
_ndb_struct_conf_na.feature    'z-form double helix' 
# 
loop_
_ndb_struct_na_base_pair.model_number 
_ndb_struct_na_base_pair.i_label_asym_id 
_ndb_struct_na_base_pair.i_label_comp_id 
_ndb_struct_na_base_pair.i_label_seq_id 
_ndb_struct_na_base_pair.i_symmetry 
_ndb_struct_na_base_pair.j_label_asym_id 
_ndb_struct_na_base_pair.j_label_comp_id 
_ndb_struct_na_base_pair.j_label_seq_id 
_ndb_struct_na_base_pair.j_symmetry 
_ndb_struct_na_base_pair.shear 
_ndb_struct_na_base_pair.stretch 
_ndb_struct_na_base_pair.stagger 
_ndb_struct_na_base_pair.buckle 
_ndb_struct_na_base_pair.propeller 
_ndb_struct_na_base_pair.opening 
_ndb_struct_na_base_pair.pair_number 
_ndb_struct_na_base_pair.pair_name 
_ndb_struct_na_base_pair.i_auth_asym_id 
_ndb_struct_na_base_pair.i_auth_seq_id 
_ndb_struct_na_base_pair.i_PDB_ins_code 
_ndb_struct_na_base_pair.j_auth_asym_id 
_ndb_struct_na_base_pair.j_auth_seq_id 
_ndb_struct_na_base_pair.j_PDB_ins_code 
_ndb_struct_na_base_pair.hbond_type_28 
_ndb_struct_na_base_pair.hbond_type_12 
1 A DC  1 1_555 B DG  6 1_555 -0.567 -0.438 0.473  3.579   -2.919 2.750  1 A_DC1:DG12_B  A 1 ? B 12 ? 19 1 
1 A DG  2 1_555 B C34 5 1_555 0.513  -0.393 0.125  0.205   0.691  6.091  2 A_DG2:C3411_B A 2 ? B 11 ? 19 1 
1 A DC  3 1_555 B DG  4 1_555 -0.048 -0.242 0.101  1.897   -3.169 -0.082 3 A_DC3:DG10_B  A 3 ? B 10 ? 19 1 
1 A DG  4 1_555 B DC  3 1_555 0.372  -0.212 0.059  -7.509  2.953  6.510  4 A_DG4:DC9_B   A 4 ? B 9  ? 19 1 
1 A C34 5 1_555 B DG  2 1_555 -0.320 -0.511 0.108  1.441   -2.156 0.065  5 A_C345:DG8_B  A 5 ? B 8  ? 19 1 
1 A DG  6 1_555 B DC  1 1_555 0.525  0.039  -0.206 -11.755 6.155  0.482  6 A_DG6:DC7_B   A 6 ? B 7  ? 19 1 
# 
loop_
_ndb_struct_na_base_pair_step.model_number 
_ndb_struct_na_base_pair_step.i_label_asym_id_1 
_ndb_struct_na_base_pair_step.i_label_comp_id_1 
_ndb_struct_na_base_pair_step.i_label_seq_id_1 
_ndb_struct_na_base_pair_step.i_symmetry_1 
_ndb_struct_na_base_pair_step.j_label_asym_id_1 
_ndb_struct_na_base_pair_step.j_label_comp_id_1 
_ndb_struct_na_base_pair_step.j_label_seq_id_1 
_ndb_struct_na_base_pair_step.j_symmetry_1 
_ndb_struct_na_base_pair_step.i_label_asym_id_2 
_ndb_struct_na_base_pair_step.i_label_comp_id_2 
_ndb_struct_na_base_pair_step.i_label_seq_id_2 
_ndb_struct_na_base_pair_step.i_symmetry_2 
_ndb_struct_na_base_pair_step.j_label_asym_id_2 
_ndb_struct_na_base_pair_step.j_label_comp_id_2 
_ndb_struct_na_base_pair_step.j_label_seq_id_2 
_ndb_struct_na_base_pair_step.j_symmetry_2 
_ndb_struct_na_base_pair_step.shift 
_ndb_struct_na_base_pair_step.slide 
_ndb_struct_na_base_pair_step.rise 
_ndb_struct_na_base_pair_step.tilt 
_ndb_struct_na_base_pair_step.roll 
_ndb_struct_na_base_pair_step.twist 
_ndb_struct_na_base_pair_step.x_displacement 
_ndb_struct_na_base_pair_step.y_displacement 
_ndb_struct_na_base_pair_step.helical_rise 
_ndb_struct_na_base_pair_step.inclination 
_ndb_struct_na_base_pair_step.tip 
_ndb_struct_na_base_pair_step.helical_twist 
_ndb_struct_na_base_pair_step.step_number 
_ndb_struct_na_base_pair_step.step_name 
_ndb_struct_na_base_pair_step.i_auth_asym_id_1 
_ndb_struct_na_base_pair_step.i_auth_seq_id_1 
_ndb_struct_na_base_pair_step.i_PDB_ins_code_1 
_ndb_struct_na_base_pair_step.j_auth_asym_id_1 
_ndb_struct_na_base_pair_step.j_auth_seq_id_1 
_ndb_struct_na_base_pair_step.j_PDB_ins_code_1 
_ndb_struct_na_base_pair_step.i_auth_asym_id_2 
_ndb_struct_na_base_pair_step.i_auth_seq_id_2 
_ndb_struct_na_base_pair_step.i_PDB_ins_code_2 
_ndb_struct_na_base_pair_step.j_auth_asym_id_2 
_ndb_struct_na_base_pair_step.j_auth_seq_id_2 
_ndb_struct_na_base_pair_step.j_PDB_ins_code_2 
1 A DC  1 1_555 B DG  6 1_555 A DG  2 1_555 B C34 5 1_555 0.349  5.211  3.825 3.429 1.426  -7.752  -38.423 11.097 2.449 -9.837 
23.658 -8.594  1 AA_DC1DG2:C3411DG12_BB A 1 ? B 12 ? A 2 ? B 11 ? 
1 A DG  2 1_555 B C34 5 1_555 A DC  3 1_555 B DG  4 1_555 -0.350 -1.181 3.484 0.523 -3.454 -50.572 1.637   -0.370 3.405 4.038  
0.611  -50.684 2 AA_DG2DC3:DG10C3411_BB A 2 ? B 11 ? A 3 ? B 10 ? 
1 A DC  3 1_555 B DG  4 1_555 A DG  4 1_555 B DC  3 1_555 0.348  5.336  3.850 1.028 -1.402 -8.093  -31.948 6.089  4.624 9.788  
7.174  -8.277  3 AA_DC3DG4:DC9DG10_BB   A 3 ? B 10 ? A 4 ? B 9  ? 
1 A DG  4 1_555 B DC  3 1_555 A C34 5 1_555 B DG  2 1_555 -0.292 -0.886 3.365 0.891 -5.468 -55.599 1.266   -0.260 3.275 5.845  
0.952  -55.853 4 AA_DG4C345:DG8DC9_BB   A 4 ? B 9  ? A 5 ? B 8  ? 
1 A C34 5 1_555 B DG  2 1_555 A DG  6 1_555 B DC  1 1_555 0.245  5.581  3.732 2.202 0.112  -7.017  -43.939 10.422 3.402 -0.889 
17.430 -7.355  5 AA_C345DG6:DC7DG8_BB   A 5 ? B 8  ? A 6 ? B 7  ? 
# 
_atom_sites.entry_id                    133D 
_atom_sites.fract_transf_matrix[1][1]   0.04122937 
_atom_sites.fract_transf_matrix[1][2]   -0.00006215 
_atom_sites.fract_transf_matrix[1][3]   -0.03732808 
_atom_sites.fract_transf_matrix[2][1]   0.02042576 
_atom_sites.fract_transf_matrix[2][2]   -0.01136406 
_atom_sites.fract_transf_matrix[2][3]   0.02257945 
_atom_sites.fract_transf_matrix[3][1]   -0.00526052 
_atom_sites.fract_transf_matrix[3][2]   -0.02093063 
_atom_sites.fract_transf_matrix[3][3]   -0.00577546 
_atom_sites.fract_transf_vector[1]      0.792806 
_atom_sites.fract_transf_vector[2]      0.501682 
_atom_sites.fract_transf_vector[3]      0.623090 
# 
loop_
_atom_type.symbol 
C 
N 
O 
P 
# 
loop_
_atom_site.group_PDB 
_atom_site.id 
_atom_site.type_symbol 
_atom_site.label_atom_id 
_atom_site.label_alt_id 
_atom_site.label_comp_id 
_atom_site.label_asym_id 
_atom_site.label_entity_id 
_atom_site.label_seq_id 
_atom_site.pdbx_PDB_ins_code 
_atom_site.Cartn_x 
_atom_site.Cartn_y 
_atom_site.Cartn_z 
_atom_site.occupancy 
_atom_site.B_iso_or_equiv 
_atom_site.pdbx_formal_charge 
_atom_site.auth_seq_id 
_atom_site.auth_comp_id 
_atom_site.auth_asym_id 
_atom_site.auth_atom_id 
_atom_site.pdbx_PDB_model_num 
ATOM   1   O "O5'" . DC  A 1 1 ? 7.861   8.072   0.433  1.00 8.72  ? 1  DC  A "O5'" 1 
ATOM   2   C "C5'" . DC  A 1 1 ? 7.136   7.841   -0.791 1.00 2.28  ? 1  DC  A "C5'" 1 
ATOM   3   C "C4'" . DC  A 1 1 ? 5.686   7.918   -0.630 1.00 10.33 ? 1  DC  A "C4'" 1 
ATOM   4   O "O4'" . DC  A 1 1 ? 5.185   7.133   0.419  1.00 9.34  ? 1  DC  A "O4'" 1 
ATOM   5   C "C3'" . DC  A 1 1 ? 4.934   9.211   -0.580 1.00 6.02  ? 1  DC  A "C3'" 1 
ATOM   6   O "O3'" . DC  A 1 1 ? 3.794   9.251   -1.450 1.00 8.90  ? 1  DC  A "O3'" 1 
ATOM   7   C "C2'" . DC  A 1 1 ? 4.594   9.315   0.909  1.00 2.00  ? 1  DC  A "C2'" 1 
ATOM   8   C "C1'" . DC  A 1 1 ? 4.333   7.895   1.290  1.00 14.95 ? 1  DC  A "C1'" 1 
ATOM   9   N N1    . DC  A 1 1 ? 4.479   7.560   2.717  1.00 9.59  ? 1  DC  A N1    1 
ATOM   10  C C2    . DC  A 1 1 ? 3.351   7.675   3.516  1.00 3.83  ? 1  DC  A C2    1 
ATOM   11  O O2    . DC  A 1 1 ? 2.268   8.023   3.054  1.00 4.43  ? 1  DC  A O2    1 
ATOM   12  N N3    . DC  A 1 1 ? 3.462   7.380   4.835  1.00 7.66  ? 1  DC  A N3    1 
ATOM   13  C C4    . DC  A 1 1 ? 4.633   6.960   5.393  1.00 2.40  ? 1  DC  A C4    1 
ATOM   14  N N4    . DC  A 1 1 ? 4.671   6.668   6.678  1.00 2.00  ? 1  DC  A N4    1 
ATOM   15  C C5    . DC  A 1 1 ? 5.788   6.834   4.573  1.00 4.58  ? 1  DC  A C5    1 
ATOM   16  C C6    . DC  A 1 1 ? 5.668   7.142   3.273  1.00 2.90  ? 1  DC  A C6    1 
ATOM   17  P P     . DG  A 1 2 ? 3.861   9.841   -2.945 1.00 14.01 ? 2  DG  A P     1 
ATOM   18  O OP1   . DG  A 1 2 ? 4.971   10.828  -2.975 1.00 19.00 ? 2  DG  A OP1   1 
ATOM   19  O OP2   . DG  A 1 2 ? 2.538   10.421  -3.339 1.00 10.19 ? 2  DG  A OP2   1 
ATOM   20  O "O5'" . DG  A 1 2 ? 4.241   8.590   -3.862 1.00 22.16 ? 2  DG  A "O5'" 1 
ATOM   21  C "C5'" . DG  A 1 2 ? 3.357   7.416   -3.944 1.00 2.11  ? 2  DG  A "C5'" 1 
ATOM   22  C "C4'" . DG  A 1 2 ? 4.240   6.514   -4.839 1.00 6.95  ? 2  DG  A "C4'" 1 
ATOM   23  O "O4'" . DG  A 1 2 ? 5.396   6.353   -4.065 1.00 2.00  ? 2  DG  A "O4'" 1 
ATOM   24  C "C3'" . DG  A 1 2 ? 3.610   5.200   -5.130 1.00 6.38  ? 2  DG  A "C3'" 1 
ATOM   25  O "O3'" . DG  A 1 2 ? 2.819   4.974   -6.260 1.00 33.82 ? 2  DG  A "O3'" 1 
ATOM   26  C "C2'" . DG  A 1 2 ? 4.663   4.198   -4.832 1.00 9.41  ? 2  DG  A "C2'" 1 
ATOM   27  C "C1'" . DG  A 1 2 ? 5.756   4.894   -4.143 1.00 14.46 ? 2  DG  A "C1'" 1 
ATOM   28  N N9    . DG  A 1 2 ? 6.001   4.477   -2.768 1.00 5.76  ? 2  DG  A N9    1 
ATOM   29  C C8    . DG  A 1 2 ? 7.187   3.977   -2.240 1.00 2.00  ? 2  DG  A C8    1 
ATOM   30  N N7    . DG  A 1 2 ? 7.128   3.709   -0.976 1.00 15.78 ? 2  DG  A N7    1 
ATOM   31  C C5    . DG  A 1 2 ? 5.831   4.040   -0.610 1.00 13.08 ? 2  DG  A C5    1 
ATOM   32  C C6    . DG  A 1 2 ? 5.152   3.978   0.631  1.00 9.91  ? 2  DG  A C6    1 
ATOM   33  O O6    . DG  A 1 2 ? 5.617   3.609   1.714  1.00 3.46  ? 2  DG  A O6    1 
ATOM   34  N N1    . DG  A 1 2 ? 3.853   4.403   0.601  1.00 11.18 ? 2  DG  A N1    1 
ATOM   35  C C2    . DG  A 1 2 ? 3.280   4.854   -0.563 1.00 8.02  ? 2  DG  A C2    1 
ATOM   36  N N2    . DG  A 1 2 ? 1.991   5.254   -0.477 1.00 17.96 ? 2  DG  A N2    1 
ATOM   37  N N3    . DG  A 1 2 ? 3.857   4.935   -1.749 1.00 9.39  ? 2  DG  A N3    1 
ATOM   38  C C4    . DG  A 1 2 ? 5.130   4.514   -1.708 1.00 15.14 ? 2  DG  A C4    1 
ATOM   39  P P     . DC  A 1 3 ? 1.256   4.851   -6.467 1.00 56.78 ? 3  DC  A P     1 
ATOM   40  O OP1   . DC  A 1 3 ? 0.867   4.722   -7.947 1.00 35.26 ? 3  DC  A OP1   1 
ATOM   41  O OP2   . DC  A 1 3 ? 0.680   6.123   -5.894 1.00 13.77 ? 3  DC  A OP2   1 
ATOM   42  O "O5'" . DC  A 1 3 ? 0.756   3.499   -5.734 1.00 25.20 ? 3  DC  A "O5'" 1 
ATOM   43  C "C5'" . DC  A 1 3 ? -0.723  3.302   -5.770 1.00 24.01 ? 3  DC  A "C5'" 1 
ATOM   44  C "C4'" . DC  A 1 3 ? -1.106  2.770   -4.424 1.00 4.46  ? 3  DC  A "C4'" 1 
ATOM   45  O "O4'" . DC  A 1 3 ? -0.119  1.894   -3.916 1.00 13.17 ? 3  DC  A "O4'" 1 
ATOM   46  C "C3'" . DC  A 1 3 ? -1.401  3.787   -3.358 1.00 2.00  ? 3  DC  A "C3'" 1 
ATOM   47  O "O3'" . DC  A 1 3 ? -2.669  3.539   -2.743 1.00 17.42 ? 3  DC  A "O3'" 1 
ATOM   48  C "C2'" . DC  A 1 3 ? -0.251  3.568   -2.365 1.00 6.76  ? 3  DC  A "C2'" 1 
ATOM   49  C "C1'" . DC  A 1 3 ? -0.011  2.099   -2.485 1.00 5.24  ? 3  DC  A "C1'" 1 
ATOM   50  N N1    . DC  A 1 3 ? 1.313   1.718   -1.952 1.00 6.00  ? 3  DC  A N1    1 
ATOM   51  C C2    . DC  A 1 3 ? 1.375   1.454   -0.600 1.00 7.89  ? 3  DC  A C2    1 
ATOM   52  O O2    . DC  A 1 3 ? 0.376   1.546   0.150  1.00 7.32  ? 3  DC  A O2    1 
ATOM   53  N N3    . DC  A 1 3 ? 2.591   1.086   -0.065 1.00 2.00  ? 3  DC  A N3    1 
ATOM   54  C C4    . DC  A 1 3 ? 3.693   0.995   -0.825 1.00 6.35  ? 3  DC  A C4    1 
ATOM   55  N N4    . DC  A 1 3 ? 4.831   0.628   -0.235 1.00 3.91  ? 3  DC  A N4    1 
ATOM   56  C C5    . DC  A 1 3 ? 3.615   1.260   -2.232 1.00 7.79  ? 3  DC  A C5    1 
ATOM   57  C C6    . DC  A 1 3 ? 2.424   1.624   -2.709 1.00 2.82  ? 3  DC  A C6    1 
ATOM   58  P P     . DG  A 1 4 ? -4.017  3.777   -3.588 1.00 31.84 ? 4  DG  A P     1 
ATOM   59  O OP1   . DG  A 1 4 ? -3.903  5.126   -4.217 1.00 30.25 ? 4  DG  A OP1   1 
ATOM   60  O OP2   . DG  A 1 4 ? -5.166  3.719   -2.591 1.00 18.93 ? 4  DG  A OP2   1 
ATOM   61  O "O5'" . DG  A 1 4 ? -4.036  2.690   -4.702 1.00 39.21 ? 4  DG  A "O5'" 1 
ATOM   62  C "C5'" . DG  A 1 4 ? -4.392  1.314   -4.643 1.00 16.38 ? 4  DG  A "C5'" 1 
ATOM   63  C "C4'" . DG  A 1 4 ? -4.588  0.985   -6.145 1.00 20.57 ? 4  DG  A "C4'" 1 
ATOM   64  O "O4'" . DG  A 1 4 ? -3.414  1.352   -6.846 1.00 4.65  ? 4  DG  A "O4'" 1 
ATOM   65  C "C3'" . DG  A 1 4 ? -4.877  -0.470  -6.374 1.00 20.28 ? 4  DG  A "C3'" 1 
ATOM   66  O "O3'" . DG  A 1 4 ? -6.238  -0.757  -6.553 1.00 37.82 ? 4  DG  A "O3'" 1 
ATOM   67  C "C2'" . DG  A 1 4 ? -3.978  -0.867  -7.519 1.00 16.94 ? 4  DG  A "C2'" 1 
ATOM   68  C "C1'" . DG  A 1 4 ? -3.001  0.255   -7.680 1.00 5.58  ? 4  DG  A "C1'" 1 
ATOM   69  N N9    . DG  A 1 4 ? -1.668  -0.217  -7.253 1.00 9.19  ? 4  DG  A N9    1 
ATOM   70  C C8    . DG  A 1 4 ? -0.537  -0.329  -8.032 1.00 2.00  ? 4  DG  A C8    1 
ATOM   71  N N7    . DG  A 1 4 ? 0.495   -0.779  -7.376 1.00 2.00  ? 4  DG  A N7    1 
ATOM   72  C C5    . DG  A 1 4 ? 0.031   -0.956  -6.089 1.00 2.29  ? 4  DG  A C5    1 
ATOM   73  C C6    . DG  A 1 4 ? 0.684   -1.436  -4.907 1.00 4.97  ? 4  DG  A C6    1 
ATOM   74  O O6    . DG  A 1 4 ? 1.867   -1.788  -4.815 1.00 10.50 ? 4  DG  A O6    1 
ATOM   75  N N1    . DG  A 1 4 ? -0.109  -1.482  -3.795 1.00 11.20 ? 4  DG  A N1    1 
ATOM   76  C C2    . DG  A 1 4 ? -1.434  -1.114  -3.816 1.00 7.25  ? 4  DG  A C2    1 
ATOM   77  N N2    . DG  A 1 4 ? -2.041  -1.226  -2.632 1.00 3.41  ? 4  DG  A N2    1 
ATOM   78  N N3    . DG  A 1 4 ? -2.109  -0.675  -4.897 1.00 3.49  ? 4  DG  A N3    1 
ATOM   79  C C4    . DG  A 1 4 ? -1.305  -0.619  -5.986 1.00 4.85  ? 4  DG  A C4    1 
HETATM 80  P P     . C34 A 1 5 ? -7.327  -1.228  -5.513 1.00 53.00 ? 5  C34 A P     1 
HETATM 81  O OP1   . C34 A 1 5 ? -8.464  -1.618  -6.426 1.00 44.35 ? 5  C34 A OP1   1 
HETATM 82  O OP2   . C34 A 1 5 ? -7.751  -0.161  -4.530 1.00 32.38 ? 5  C34 A OP2   1 
HETATM 83  O "O5'" . C34 A 1 5 ? -6.682  -2.449  -4.709 1.00 19.48 ? 5  C34 A "O5'" 1 
HETATM 84  C "C5'" . C34 A 1 5 ? -7.548  -3.522  -4.254 1.00 7.10  ? 5  C34 A "C5'" 1 
HETATM 85  C "C4'" . C34 A 1 5 ? -6.743  -4.250  -3.182 1.00 2.00  ? 5  C34 A "C4'" 1 
HETATM 86  O "O4'" . C34 A 1 5 ? -5.682  -4.916  -3.827 1.00 2.30  ? 5  C34 A "O4'" 1 
HETATM 87  C "C1'" . C34 A 1 5 ? -4.484  -4.841  -2.994 1.00 18.12 ? 5  C34 A "C1'" 1 
HETATM 88  N N1    . C34 A 1 5 ? -3.334  -4.747  -3.934 1.00 4.08  ? 5  C34 A N1    1 
HETATM 89  C C6    . C34 A 1 5 ? -3.495  -4.376  -5.231 1.00 2.00  ? 5  C34 A C6    1 
HETATM 90  C C2    . C34 A 1 5 ? -2.071  -5.042  -3.409 1.00 8.00  ? 5  C34 A C2    1 
HETATM 91  O O2    . C34 A 1 5 ? -1.949  -5.372  -2.233 1.00 10.42 ? 5  C34 A O2    1 
HETATM 92  N N3    . C34 A 1 5 ? -1.000  -4.948  -4.234 1.00 2.00  ? 5  C34 A N3    1 
HETATM 93  C C4    . C34 A 1 5 ? -1.142  -4.594  -5.548 1.00 4.95  ? 5  C34 A C4    1 
HETATM 94  N N4    . C34 A 1 5 ? -0.055  -4.518  -6.325 1.00 2.87  ? 5  C34 A N4    1 
HETATM 95  C C7    . C34 A 1 5 ? -0.153  -4.276  -7.775 1.00 2.00  ? 5  C34 A C7    1 
HETATM 96  C C5    . C34 A 1 5 ? -2.440  -4.292  -6.063 1.00 3.03  ? 5  C34 A C5    1 
HETATM 97  C "C2'" . C34 A 1 5 ? -4.651  -3.357  -2.450 1.00 2.00  ? 5  C34 A "C2'" 1 
HETATM 98  C "C3'" . C34 A 1 5 ? -6.141  -3.403  -2.108 1.00 9.31  ? 5  C34 A "C3'" 1 
HETATM 99  O "O3'" . C34 A 1 5 ? -6.210  -3.986  -0.781 1.00 12.37 ? 5  C34 A "O3'" 1 
ATOM   100 P P     . DG  A 1 6 ? -7.623  -4.268  -0.065 1.00 25.65 ? 6  DG  A P     1 
ATOM   101 O OP1   . DG  A 1 6 ? -8.373  -3.014  -0.079 1.00 10.52 ? 6  DG  A OP1   1 
ATOM   102 O OP2   . DG  A 1 6 ? -7.266  -4.822  1.291  1.00 18.53 ? 6  DG  A OP2   1 
ATOM   103 O "O5'" . DG  A 1 6 ? -8.249  -5.360  -1.041 1.00 35.32 ? 6  DG  A "O5'" 1 
ATOM   104 C "C5'" . DG  A 1 6 ? -8.826  -6.628  -0.648 1.00 25.04 ? 6  DG  A "C5'" 1 
ATOM   105 C "C4'" . DG  A 1 6 ? -10.219 -6.564  -1.237 1.00 11.83 ? 6  DG  A "C4'" 1 
ATOM   106 O "O4'" . DG  A 1 6 ? -10.182 -6.019  -2.537 1.00 29.12 ? 6  DG  A "O4'" 1 
ATOM   107 C "C3'" . DG  A 1 6 ? -10.971 -7.886  -1.356 1.00 33.41 ? 6  DG  A "C3'" 1 
ATOM   108 O "O3'" . DG  A 1 6 ? -12.419 -7.744  -1.295 1.00 18.39 ? 6  DG  A "O3'" 1 
ATOM   109 C "C2'" . DG  A 1 6 ? -10.521 -8.352  -2.759 1.00 23.51 ? 6  DG  A "C2'" 1 
ATOM   110 C "C1'" . DG  A 1 6 ? -10.500 -7.052  -3.509 1.00 17.27 ? 6  DG  A "C1'" 1 
ATOM   111 N N9    . DG  A 1 6 ? -9.477  -7.088  -4.569 1.00 3.45  ? 6  DG  A N9    1 
ATOM   112 C C8    . DG  A 1 6 ? -9.689  -6.766  -5.907 1.00 2.00  ? 6  DG  A C8    1 
ATOM   113 N N7    . DG  A 1 6 ? -8.611  -6.861  -6.614 1.00 2.00  ? 6  DG  A N7    1 
ATOM   114 C C5    . DG  A 1 6 ? -7.615  -7.256  -5.691 1.00 5.14  ? 6  DG  A C5    1 
ATOM   115 C C6    . DG  A 1 6 ? -6.239  -7.520  -5.868 1.00 2.00  ? 6  DG  A C6    1 
ATOM   116 O O6    . DG  A 1 6 ? -5.550  -7.476  -6.860 1.00 2.00  ? 6  DG  A O6    1 
ATOM   117 N N1    . DG  A 1 6 ? -5.587  -7.897  -4.712 1.00 8.69  ? 6  DG  A N1    1 
ATOM   118 C C2    . DG  A 1 6 ? -6.222  -7.995  -3.502 1.00 2.37  ? 6  DG  A C2    1 
ATOM   119 N N2    . DG  A 1 6 ? -5.360  -8.370  -2.547 1.00 2.00  ? 6  DG  A N2    1 
ATOM   120 N N3    . DG  A 1 6 ? -7.505  -7.752  -3.302 1.00 9.08  ? 6  DG  A N3    1 
ATOM   121 C C4    . DG  A 1 6 ? -8.147  -7.380  -4.426 1.00 3.38  ? 6  DG  A C4    1 
ATOM   122 O "O5'" . DC  B 1 1 ? 4.714   -10.017 -2.516 1.00 9.59  ? 7  DC  B "O5'" 1 
ATOM   123 C "C5'" . DC  B 1 1 ? 3.475   -10.009 -3.268 1.00 2.66  ? 7  DC  B "C5'" 1 
ATOM   124 C "C4'" . DC  B 1 1 ? 2.424   -9.460  -2.308 1.00 3.57  ? 7  DC  B "C4'" 1 
ATOM   125 O "O4'" . DC  B 1 1 ? 1.585   -8.565  -2.971 1.00 11.48 ? 7  DC  B "O4'" 1 
ATOM   126 C "C3'" . DC  B 1 1 ? 1.540   -10.472 -1.681 1.00 2.00  ? 7  DC  B "C3'" 1 
ATOM   127 O "O3'" . DC  B 1 1 ? 1.283   -10.230 -0.299 1.00 10.44 ? 7  DC  B "O3'" 1 
ATOM   128 C "C2'" . DC  B 1 1 ? 0.216   -10.325 -2.447 1.00 2.00  ? 7  DC  B "C2'" 1 
ATOM   129 C "C1'" . DC  B 1 1 ? 0.192   -8.828  -2.706 1.00 2.00  ? 7  DC  B "C1'" 1 
ATOM   130 N N1    . DC  B 1 1 ? -0.496  -8.500  -3.979 1.00 6.11  ? 7  DC  B N1    1 
ATOM   131 C C2    . DC  B 1 1 ? -1.886  -8.507  -3.983 1.00 6.99  ? 7  DC  B C2    1 
ATOM   132 O O2    . DC  B 1 1 ? -2.525  -8.784  -2.973 1.00 11.56 ? 7  DC  B O2    1 
ATOM   133 N N3    . DC  B 1 1 ? -2.506  -8.191  -5.154 1.00 2.54  ? 7  DC  B N3    1 
ATOM   134 C C4    . DC  B 1 1 ? -1.833  -7.876  -6.270 1.00 2.00  ? 7  DC  B C4    1 
ATOM   135 N N4    . DC  B 1 1 ? -2.484  -7.580  -7.386 1.00 2.18  ? 7  DC  B N4    1 
ATOM   136 C C5    . DC  B 1 1 ? -0.397  -7.864  -6.251 1.00 3.86  ? 7  DC  B C5    1 
ATOM   137 C C6    . DC  B 1 1 ? 0.206   -8.176  -5.102 1.00 10.02 ? 7  DC  B C6    1 
ATOM   138 P P     . DG  B 1 2 ? 1.923   -10.973 0.909  1.00 19.47 ? 8  DG  B P     1 
ATOM   139 O OP1   . DG  B 1 2 ? 2.420   -12.356 0.588  1.00 33.89 ? 8  DG  B OP1   1 
ATOM   140 O OP2   . DG  B 1 2 ? 0.932   -10.906 1.986  1.00 21.77 ? 8  DG  B OP2   1 
ATOM   141 O "O5'" . DG  B 1 2 ? 3.283   -10.064 1.208  1.00 11.75 ? 8  DG  B "O5'" 1 
ATOM   142 C "C5'" . DG  B 1 2 ? 2.888   -8.623  1.453  1.00 12.79 ? 8  DG  B "C5'" 1 
ATOM   143 C "C4'" . DG  B 1 2 ? 4.241   -7.892  1.467  1.00 8.07  ? 8  DG  B "C4'" 1 
ATOM   144 O "O4'" . DG  B 1 2 ? 4.720   -7.988  0.134  1.00 8.35  ? 8  DG  B "O4'" 1 
ATOM   145 C "C3'" . DG  B 1 2 ? 4.202   -6.445  1.866  1.00 21.08 ? 8  DG  B "C3'" 1 
ATOM   146 O "O3'" . DG  B 1 2 ? 4.502   -6.086  3.185  1.00 24.61 ? 8  DG  B "O3'" 1 
ATOM   147 C "C2'" . DG  B 1 2 ? 5.134   -5.770  0.858  1.00 4.44  ? 8  DG  B "C2'" 1 
ATOM   148 C "C1'" . DG  B 1 2 ? 5.304   -6.724  -0.254 1.00 7.81  ? 8  DG  B "C1'" 1 
ATOM   149 N N9    . DG  B 1 2 ? 4.796   -6.312  -1.562 1.00 3.48  ? 8  DG  B N9    1 
ATOM   150 C C8    . DG  B 1 2 ? 5.517   -6.183  -2.720 1.00 2.00  ? 8  DG  B C8    1 
ATOM   151 N N7    . DG  B 1 2 ? 4.795   -5.818  -3.749 1.00 4.83  ? 8  DG  B N7    1 
ATOM   152 C C5    . DG  B 1 2 ? 3.508   -5.719  -3.265 1.00 4.33  ? 8  DG  B C5    1 
ATOM   153 C C6    . DG  B 1 2 ? 2.275   -5.378  -3.878 1.00 2.80  ? 8  DG  B C6    1 
ATOM   154 O O6    . DG  B 1 2 ? 2.101   -5.063  -5.068 1.00 12.36 ? 8  DG  B O6    1 
ATOM   155 N N1    . DG  B 1 2 ? 1.177   -5.400  -3.060 1.00 8.21  ? 8  DG  B N1    1 
ATOM   156 C C2    . DG  B 1 2 ? 1.295   -5.736  -1.723 1.00 8.45  ? 8  DG  B C2    1 
ATOM   157 N N2    . DG  B 1 2 ? 0.164   -5.732  -0.999 1.00 2.00  ? 8  DG  B N2    1 
ATOM   158 N N3    . DG  B 1 2 ? 2.428   -6.060  -1.096 1.00 8.54  ? 8  DG  B N3    1 
ATOM   159 C C4    . DG  B 1 2 ? 3.488   -6.035  -1.909 1.00 9.14  ? 8  DG  B C4    1 
ATOM   160 P P     . DC  B 1 3 ? 3.666   -5.661  4.451  1.00 34.74 ? 9  DC  B P     1 
ATOM   161 O OP1   . DC  B 1 3 ? 4.565   -5.311  5.621  1.00 33.96 ? 9  DC  B OP1   1 
ATOM   162 O OP2   . DC  B 1 3 ? 2.835   -6.884  4.809  1.00 9.64  ? 9  DC  B OP2   1 
ATOM   163 O "O5'" . DC  B 1 3 ? 2.748   -4.423  4.107  1.00 15.30 ? 9  DC  B "O5'" 1 
ATOM   164 C "C5'" . DC  B 1 3 ? 2.254   -3.546  5.190  1.00 8.71  ? 9  DC  B "C5'" 1 
ATOM   165 C "C4'" . DC  B 1 3 ? 1.108   -2.833  4.446  1.00 4.30  ? 9  DC  B "C4'" 1 
ATOM   166 O "O4'" . DC  B 1 3 ? 1.596   -2.175  3.296  1.00 11.40 ? 9  DC  B "O4'" 1 
ATOM   167 C "C3'" . DC  B 1 3 ? 0.079   -3.820  3.919  1.00 8.55  ? 9  DC  B "C3'" 1 
ATOM   168 O "O3'" . DC  B 1 3 ? -1.265  -3.252  3.972  1.00 11.67 ? 9  DC  B "O3'" 1 
ATOM   169 C "C2'" . DC  B 1 3 ? 0.539   -3.973  2.447  1.00 2.70  ? 9  DC  B "C2'" 1 
ATOM   170 C "C1'" . DC  B 1 3 ? 0.763   -2.461  2.133  1.00 3.22  ? 9  DC  B "C1'" 1 
ATOM   171 N N1    . DC  B 1 3 ? 1.552   -2.430  0.868  1.00 2.00  ? 9  DC  B N1    1 
ATOM   172 C C2    . DC  B 1 3 ? 0.830   -2.164  -0.290 1.00 19.31 ? 9  DC  B C2    1 
ATOM   173 O O2    . DC  B 1 3 ? -0.397  -1.957  -0.253 1.00 17.35 ? 9  DC  B O2    1 
ATOM   174 N N3    . DC  B 1 3 ? 1.519   -2.121  -1.472 1.00 2.42  ? 9  DC  B N3    1 
ATOM   175 C C4    . DC  B 1 3 ? 2.855   -2.343  -1.520 1.00 6.35  ? 9  DC  B C4    1 
ATOM   176 N N4    . DC  B 1 3 ? 3.457   -2.293  -2.717 1.00 3.96  ? 9  DC  B N4    1 
ATOM   177 C C5    . DC  B 1 3 ? 3.579   -2.627  -0.321 1.00 2.00  ? 9  DC  B C5    1 
ATOM   178 C C6    . DC  B 1 3 ? 2.884   -2.657  0.819  1.00 7.10  ? 9  DC  B C6    1 
ATOM   179 P P     . DG  B 1 4 ? -1.899  -3.468  5.487  1.00 34.56 ? 10 DG  B P     1 
ATOM   180 O OP1   . DG  B 1 4 ? -1.717  -4.948  5.799  1.00 27.67 ? 10 DG  B OP1   1 
ATOM   181 O OP2   . DG  B 1 4 ? -3.265  -3.004  5.323  1.00 18.33 ? 10 DG  B OP2   1 
ATOM   182 O "O5'" . DG  B 1 4 ? -0.921  -2.627  6.430  1.00 23.25 ? 10 DG  B "O5'" 1 
ATOM   183 C "C5'" . DG  B 1 4 ? -1.258  -1.228  6.703  1.00 28.90 ? 10 DG  B "C5'" 1 
ATOM   184 C "C4'" . DG  B 1 4 ? -0.290  -0.692  7.723  1.00 25.91 ? 10 DG  B "C4'" 1 
ATOM   185 O "O4'" . DG  B 1 4 ? 1.002   -1.215  7.594  1.00 9.45  ? 10 DG  B "O4'" 1 
ATOM   186 C "C3'" . DG  B 1 4 ? -0.197  0.824   7.789  1.00 18.20 ? 10 DG  B "C3'" 1 
ATOM   187 O "O3'" . DG  B 1 4 ? -1.071  1.435   8.711  1.00 19.32 ? 10 DG  B "O3'" 1 
ATOM   188 C "C2'" . DG  B 1 4 ? 1.262   1.143   7.813  1.00 8.19  ? 10 DG  B "C2'" 1 
ATOM   189 C "C1'" . DG  B 1 4 ? 1.987   -0.163  7.682  1.00 6.88  ? 10 DG  B "C1'" 1 
ATOM   190 N N9    . DG  B 1 4 ? 2.926   -0.196  6.564  1.00 4.03  ? 10 DG  B N9    1 
ATOM   191 C C8    . DG  B 1 4 ? 4.240   -0.577  6.627  1.00 2.23  ? 10 DG  B C8    1 
ATOM   192 N N7    . DG  B 1 4 ? 4.875   -0.524  5.474  1.00 5.10  ? 10 DG  B N7    1 
ATOM   193 C C5    . DG  B 1 4 ? 3.895   -0.052  4.587  1.00 6.96  ? 10 DG  B C5    1 
ATOM   194 C C6    . DG  B 1 4 ? 3.961   0.219   3.201  1.00 3.93  ? 10 DG  B C6    1 
ATOM   195 O O6    . DG  B 1 4 ? 4.923   0.120   2.424  1.00 16.22 ? 10 DG  B O6    1 
ATOM   196 N N1    . DG  B 1 4 ? 2.783   0.672   2.648  1.00 4.49  ? 10 DG  B N1    1 
ATOM   197 C C2    . DG  B 1 4 ? 1.664   0.832   3.383  1.00 4.04  ? 10 DG  B C2    1 
ATOM   198 N N2    . DG  B 1 4 ? 0.618   1.252   2.690  1.00 7.31  ? 10 DG  B N2    1 
ATOM   199 N N3    . DG  B 1 4 ? 1.554   0.587   4.715  1.00 8.79  ? 10 DG  B N3    1 
ATOM   200 C C4    . DG  B 1 4 ? 2.702   0.154   5.238  1.00 2.61  ? 10 DG  B C4    1 
HETATM 201 P P     . C34 B 1 5 ? -2.317  2.326   8.156  1.00 32.15 ? 11 C34 B P     1 
HETATM 202 O OP1   . C34 B 1 5 ? -3.405  2.458   9.172  1.00 38.03 ? 11 C34 B OP1   1 
HETATM 203 O OP2   . C34 B 1 5 ? -2.767  1.500   7.005  1.00 29.59 ? 11 C34 B OP2   1 
HETATM 204 O "O5'" . C34 B 1 5 ? -1.577  3.726   7.878  1.00 18.83 ? 11 C34 B "O5'" 1 
HETATM 205 C "C5'" . C34 B 1 5 ? -2.246  4.962   7.608  1.00 15.51 ? 11 C34 B "C5'" 1 
HETATM 206 C "C4'" . C34 B 1 5 ? -2.061  5.388   6.193  1.00 2.00  ? 11 C34 B "C4'" 1 
HETATM 207 O "O4'" . C34 B 1 5 ? -0.724  5.638   5.819  1.00 20.13 ? 11 C34 B "O4'" 1 
HETATM 208 C "C1'" . C34 B 1 5 ? -0.414  4.987   4.555  1.00 5.31  ? 11 C34 B "C1'" 1 
HETATM 209 N N1    . C34 B 1 5 ? 0.977   4.547   4.518  1.00 3.42  ? 11 C34 B N1    1 
HETATM 210 C C6    . C34 B 1 5 ? 1.655   4.088   5.614  1.00 2.00  ? 11 C34 B C6    1 
HETATM 211 C C2    . C34 B 1 5 ? 1.629   4.624   3.282  1.00 7.07  ? 11 C34 B C2    1 
HETATM 212 O O2    . C34 B 1 5 ? 1.052   5.040   2.263  1.00 2.00  ? 11 C34 B O2    1 
HETATM 213 N N3    . C34 B 1 5 ? 2.914   4.225   3.228  1.00 2.00  ? 11 C34 B N3    1 
HETATM 214 C C4    . C34 B 1 5 ? 3.597   3.792   4.297  1.00 2.00  ? 11 C34 B C4    1 
HETATM 215 N N4    . C34 B 1 5 ? 4.878   3.409   4.186  1.00 2.00  ? 11 C34 B N4    1 
HETATM 216 C C7    . C34 B 1 5 ? 5.706   3.138   5.386  1.00 5.22  ? 11 C34 B C7    1 
HETATM 217 C C5    . C34 B 1 5 ? 2.933   3.710   5.579  1.00 2.00  ? 11 C34 B C5    1 
HETATM 218 C "C2'" . C34 B 1 5 ? -1.442  3.904   4.429  1.00 2.00  ? 11 C34 B "C2'" 1 
HETATM 219 C "C3'" . C34 B 1 5 ? -2.675  4.630   5.070  1.00 2.00  ? 11 C34 B "C3'" 1 
HETATM 220 O "O3'" . C34 B 1 5 ? -3.350  5.499   4.178  1.00 12.92 ? 11 C34 B "O3'" 1 
ATOM   221 P P     . DG  B 1 6 ? -4.947  5.748   4.472  1.00 18.33 ? 12 DG  B P     1 
ATOM   222 O OP1   . DG  B 1 6 ? -5.707  4.471   4.632  1.00 24.36 ? 12 DG  B OP1   1 
ATOM   223 O OP2   . DG  B 1 6 ? -5.336  6.517   3.263  1.00 23.13 ? 12 DG  B OP2   1 
ATOM   224 O "O5'" . DG  B 1 6 ? -4.921  6.516   5.854  1.00 9.05  ? 12 DG  B "O5'" 1 
ATOM   225 C "C5'" . DG  B 1 6 ? -4.966  8.003   5.735  1.00 2.00  ? 12 DG  B "C5'" 1 
ATOM   226 C "C4'" . DG  B 1 6 ? -5.418  8.296   7.177  1.00 2.00  ? 12 DG  B "C4'" 1 
ATOM   227 O "O4'" . DG  B 1 6 ? -4.387  7.683   7.978  1.00 3.63  ? 12 DG  B "O4'" 1 
ATOM   228 C "C3'" . DG  B 1 6 ? -5.311  9.803   7.507  1.00 13.33 ? 12 DG  B "C3'" 1 
ATOM   229 O "O3'" . DG  B 1 6 ? -5.875  10.062  8.794  1.00 33.73 ? 12 DG  B "O3'" 1 
ATOM   230 C "C2'" . DG  B 1 6 ? -3.755  9.884   7.495  1.00 2.77  ? 12 DG  B "C2'" 1 
ATOM   231 C "C1'" . DG  B 1 6 ? -3.471  8.707   8.368  1.00 11.68 ? 12 DG  B "C1'" 1 
ATOM   232 N N9    . DG  B 1 6 ? -2.076  8.334   8.447  1.00 2.00  ? 12 DG  B N9    1 
ATOM   233 C C8    . DG  B 1 6 ? -1.494  7.838   9.610  1.00 9.32  ? 12 DG  B C8    1 
ATOM   234 N N7    . DG  B 1 6 ? -0.218  7.555   9.474  1.00 4.36  ? 12 DG  B N7    1 
ATOM   235 C C5    . DG  B 1 6 ? 0.059   7.878   8.172  1.00 3.20  ? 12 DG  B C5    1 
ATOM   236 C C6    . DG  B 1 6 ? 1.257   7.813   7.420  1.00 2.79  ? 12 DG  B C6    1 
ATOM   237 O O6    . DG  B 1 6 ? 2.356   7.406   7.846  1.00 7.30  ? 12 DG  B O6    1 
ATOM   238 N N1    . DG  B 1 6 ? 1.172   8.220   6.107  1.00 4.35  ? 12 DG  B N1    1 
ATOM   239 C C2    . DG  B 1 6 ? -0.042  8.663   5.608  1.00 5.72  ? 12 DG  B C2    1 
ATOM   240 N N2    . DG  B 1 6 ? -0.043  9.065   4.328  1.00 4.13  ? 12 DG  B N2    1 
ATOM   241 N N3    . DG  B 1 6 ? -1.213  8.755   6.257  1.00 5.79  ? 12 DG  B N3    1 
ATOM   242 C C4    . DG  B 1 6 ? -1.091  8.350   7.528  1.00 2.74  ? 12 DG  B C4    1 
HETATM 243 O O     . HOH C 2 . ? 0.522   9.316   -1.044 1.00 12.21 ? 14 HOH A O     1 
HETATM 244 O O     . HOH C 2 . ? -1.855  6.507   -1.026 1.00 7.62  ? 15 HOH A O     1 
HETATM 245 O O     . HOH C 2 . ? 0.321   6.961   -2.508 1.00 12.55 ? 16 HOH A O     1 
HETATM 246 O O     . HOH C 2 . ? -7.505  2.544   -6.314 1.00 43.15 ? 19 HOH A O     1 
HETATM 247 O O     . HOH C 2 . ? 9.351   8.410   11.770 1.00 17.71 ? 20 HOH A O     1 
HETATM 248 O O     . HOH C 2 . ? 6.826   5.844   7.246  1.00 11.16 ? 24 HOH A O     1 
HETATM 249 O O     . HOH C 2 . ? -3.706  7.493   -6.760 1.00 45.73 ? 26 HOH A O     1 
HETATM 250 O O     . HOH C 2 . ? 3.579   -3.087  -6.252 1.00 54.36 ? 27 HOH A O     1 
HETATM 251 O O     . HOH C 2 . ? 2.430   13.546  -2.235 1.00 48.64 ? 28 HOH A O     1 
HETATM 252 O O     . HOH C 2 . ? 9.706   4.208   -0.147 1.00 34.59 ? 29 HOH A O     1 
HETATM 253 O O     . HOH C 2 . ? -2.660  -5.002  0.430  1.00 13.22 ? 33 HOH A O     1 
HETATM 254 O O     . HOH C 2 . ? -4.416  -0.287  -1.534 1.00 23.86 ? 34 HOH A O     1 
HETATM 255 O O     . HOH C 2 . ? -5.204  2.892   0.162  1.00 29.66 ? 35 HOH A O     1 
HETATM 256 O O     . HOH C 2 . ? -6.140  -8.476  0.851  1.00 10.91 ? 38 HOH A O     1 
HETATM 257 O O     . HOH C 2 . ? -8.989  -9.266  1.909  1.00 44.70 ? 41 HOH A O     1 
HETATM 258 O O     . HOH C 2 . ? 8.266   6.000   10.202 1.00 50.23 ? 42 HOH A O     1 
HETATM 259 O O     . HOH C 2 . ? -2.339  3.854   -8.928 1.00 25.35 ? 43 HOH A O     1 
HETATM 260 O O     . HOH C 2 . ? -5.294  4.867   -9.391 1.00 26.25 ? 44 HOH A O     1 
HETATM 261 O O     . HOH C 2 . ? -4.561  6.948   -0.593 1.00 43.34 ? 49 HOH A O     1 
HETATM 262 O O     . HOH C 2 . ? -2.656  7.790   -2.995 1.00 30.58 ? 50 HOH A O     1 
HETATM 263 O O     . HOH C 2 . ? -5.834  -0.634  -0.023 1.00 45.02 ? 52 HOH A O     1 
HETATM 264 O O     . HOH C 2 . ? -1.679  6.227   -7.499 1.00 49.75 ? 53 HOH A O     1 
HETATM 265 O O     . HOH C 2 . ? 1.554   12.913  -5.376 1.00 59.27 ? 56 HOH A O     1 
HETATM 266 O O     . HOH C 2 . ? 8.773   5.243   2.893  1.00 69.97 ? 57 HOH A O     1 
HETATM 267 O O     . HOH C 2 . ? -2.279  2.756   0.694  1.00 64.60 ? 58 HOH A O     1 
HETATM 268 O O     . HOH C 2 . ? 10.153  7.262   0.880  1.00 49.61 ? 59 HOH A O     1 
HETATM 269 O O     . HOH C 2 . ? -3.764  -9.756  2.424  1.00 34.83 ? 61 HOH A O     1 
HETATM 270 O O     . HOH D 2 . ? -2.137  5.821   1.351  1.00 37.34 ? 13 HOH B O     1 
HETATM 271 O O     . HOH D 2 . ? -2.099  1.018   3.833  1.00 17.48 ? 17 HOH B O     1 
HETATM 272 O O     . HOH D 2 . ? 10.020  0.764   4.035  1.00 77.17 ? 18 HOH B O     1 
HETATM 273 O O     . HOH D 2 . ? -0.525  -6.920  1.647  1.00 8.19  ? 21 HOH B O     1 
HETATM 274 O O     . HOH D 2 . ? 0.374   -8.226  5.837  1.00 33.34 ? 22 HOH B O     1 
HETATM 275 O O     . HOH D 2 . ? 7.125   -5.651  6.649  1.00 21.98 ? 23 HOH B O     1 
HETATM 276 O O     . HOH D 2 . ? -2.199  -9.761  -0.350 1.00 12.97 ? 25 HOH B O     1 
HETATM 277 O O     . HOH D 2 . ? 3.191   -7.348  -6.610 1.00 55.90 ? 30 HOH B O     1 
HETATM 278 O O     . HOH D 2 . ? 2.426   -10.943 4.863  1.00 31.54 ? 31 HOH B O     1 
HETATM 279 O O     . HOH D 2 . ? 5.758   -8.538  -6.091 1.00 56.77 ? 32 HOH B O     1 
HETATM 280 O O     . HOH D 2 . ? -2.484  9.069   2.485  1.00 16.58 ? 36 HOH B O     1 
HETATM 281 O O     . HOH D 2 . ? -2.761  -1.767  1.303  1.00 37.55 ? 37 HOH B O     1 
HETATM 282 O O     . HOH D 2 . ? 7.115   -3.538  -0.116 1.00 18.57 ? 39 HOH B O     1 
HETATM 283 O O     . HOH D 2 . ? 6.134   -2.087  2.635  1.00 33.91 ? 40 HOH B O     1 
HETATM 284 O O     . HOH D 2 . ? -2.605  10.167  -0.488 1.00 26.39 ? 45 HOH B O     1 
HETATM 285 O O     . HOH D 2 . ? 7.554   0.296   2.262  1.00 55.80 ? 46 HOH B O     1 
HETATM 286 O O     . HOH D 2 . ? 7.011   -6.967  8.701  1.00 52.51 ? 47 HOH B O     1 
HETATM 287 O O     . HOH D 2 . ? 7.466   -4.702  4.091  1.00 63.38 ? 48 HOH B O     1 
HETATM 288 O O     . HOH D 2 . ? -5.248  2.282   3.054  1.00 58.58 ? 51 HOH B O     1 
HETATM 289 O O     . HOH D 2 . ? 5.851   -2.787  -8.333 1.00 57.48 ? 54 HOH B O     1 
HETATM 290 O O     . HOH D 2 . ? 5.911   -3.837  -5.988 1.00 50.21 ? 55 HOH B O     1 
HETATM 291 O O     . HOH D 2 . ? -2.568  -6.399  2.346  1.00 50.05 ? 60 HOH B O     1 
# 
